data_7DFZ
#
_entry.id   7DFZ
#
_cell.length_a   1.00
_cell.length_b   1.00
_cell.length_c   1.00
_cell.angle_alpha   90.00
_cell.angle_beta   90.00
_cell.angle_gamma   90.00
#
_symmetry.space_group_name_H-M   'P 1'
#
loop_
_entity.id
_entity.type
_entity.pdbx_description
1 polymer 'NPC1-like intracellular cholesterol transporter 1'
2 branched 2-acetamido-2-deoxy-beta-D-glucopyranose-(1-3)-2-acetamido-2-deoxy-beta-D-glucopyranose-(1-4)-2-acetamido-2-deoxy-beta-D-glucopyranose
3 branched 2-acetamido-2-deoxy-beta-D-glucopyranose-(1-3)-2-acetamido-2-deoxy-beta-D-glucopyranose
4 branched 2-acetamido-2-deoxy-beta-D-glucopyranose-(1-4)-2-acetamido-2-deoxy-beta-D-glucopyranose-(1-4)-2-acetamido-2-deoxy-beta-D-glucopyranose
5 non-polymer 2-acetamido-2-deoxy-beta-D-glucopyranose
6 non-polymer (3~{R},4~{S})-1-(4-fluorophenyl)-3-[(3~{S})-3-(4-fluorophenyl)-3-oxidanyl-propyl]-4-(4-hydroxyphenyl)azetidin-2-one
7 non-polymer CHOLESTEROL
#
_entity_poly.entity_id   1
_entity_poly.type   'polypeptide(L)'
_entity_poly.pdbx_seq_one_letter_code
;MAEAGLRGWLLWALLLRLAQSEPYTTIHQPGYCAFYDECGKNPELSGSLMTLSNVSCLSNTPARKITGDHLILLQKICPR
LYTGPNTQACCSAKQLVSLEASLSITKALLTRCPACSDNFVNLHCHNTCSPNQSLFINVTRVAQLGAGQLPAVVAYEAFY
QHSFAEQSYDSCSRVRVPAAATLAVGTMCGVYGSALCNAQRWLNFQGDTGNGLAPLDITFHLLEPGQAVGSGIQPLNEGV
ARCNESQGDDVATCSCQDCAASCPAIARPQALDSTFYLGQMPGSLVLIIILCSVFAVVTILLVGFRVAPARDKSKMVDPK
KGTSLSDKLSFSTHTLLGQFFQGWGTWVASWPLTILVLSVIPVVALAAGLVFTELTTDPVELWSAPNSQARSEKAFHDQH
FGPFFRTNQVILTAPNRSSYRYDSLLLGPKNFSGILDLDLLLELLELQERLRHLQVWSPEAQRNISLQDICYAPLNPDNT
SLYDCCINSLLQYFQNNRTLLLLTANQTLMGQTSQVDWKDHFLYCANAPLTFKDGTALALSCMADYGAPVFPFLAIGGYK
GKDYSEAEALIMTFSLNNYPAGDPRLAQAKLWEEAFLEEMRAFQRRMAGMFQVTFMAERSLEDEINRTTAEDLPIFATSY
IVIFLYISLALGSYSSWSRVMVDSKATLGLGGVAVVLGAVMAAMGFFSYLGIRSSLVILQVVPFLVLSVGADNIFIFVLE
YQRLPRRPGEPREVHIGRALGRVAPSMLLCSLSEAICFFLGALTPMPAVRTFALTSGLAVILDFLLQMSAFVALLSLDSK
RQEASRLDVCCCVKPQELPPPGQGEGLLLGFFQKAYAPFLLHWITRGVVLLLFLALFGVSLYSMCHISVGLDQELALPKD
SYLLDYFLFLNRYFEVGAPVYFVTTLGYNFSSEAGMNAICSSAGCNNFSFTQKIQYATEFPEQSYLAIPASSWVDDFIDW
LTPSSCCRLYISGPNKDKFCPSTVNSLNCLKNCMSITMGSVRPSVEQFHKYLPWFLNDRPNIKCPKGGLAAYSTSVNLTS
DGQVLASRFMAYHKPLKNSQDYTEALRAARELAANITADLRKVPGTDPAFEVFPYTITNVFYEQYLTILPEGLFMLSLCL
VPTFAVSCLLLGLDLRSGLLNLLSIVMILVDTVGFMALWGISYNAVSLINLVSAVGMSVEFVSHITRSFAISTKPTWLER
AKEATISMGSAVFAGVAMTNLPGILVLGLAKAQLIQIFFFRLNLLITLLGLLHGLVFLPVILSYVGPDVNPAL
;
_entity_poly.pdbx_strand_id   A
#
# COMPACT_ATOMS: atom_id res chain seq x y z
N SER A 332 -38.37 1.52 31.88
CA SER A 332 -37.90 2.89 32.02
C SER A 332 -36.39 2.93 32.22
N THR A 333 -35.64 2.65 31.14
CA THR A 333 -34.19 2.59 31.24
C THR A 333 -33.58 3.98 31.37
N HIS A 334 -34.24 5.02 30.88
CA HIS A 334 -33.65 6.35 30.93
C HIS A 334 -33.66 6.91 32.34
N THR A 335 -34.75 6.66 33.09
CA THR A 335 -34.87 7.23 34.42
C THR A 335 -33.90 6.58 35.41
N LEU A 336 -33.60 5.29 35.22
CA LEU A 336 -32.71 4.60 36.13
C LEU A 336 -31.28 5.11 35.99
N LEU A 337 -30.85 5.40 34.77
CA LEU A 337 -29.49 5.89 34.52
C LEU A 337 -29.29 7.25 35.17
N GLY A 338 -30.28 8.13 35.09
CA GLY A 338 -30.17 9.45 35.70
C GLY A 338 -30.08 9.39 37.21
N GLN A 339 -30.89 8.51 37.84
CA GLN A 339 -30.83 8.33 39.29
C GLN A 339 -29.49 7.75 39.72
N PHE A 340 -28.98 6.76 38.97
CA PHE A 340 -27.69 6.14 39.28
C PHE A 340 -26.55 7.14 39.15
N PHE A 341 -26.53 7.91 38.07
CA PHE A 341 -25.45 8.86 37.89
C PHE A 341 -25.57 10.05 38.84
N GLN A 342 -26.79 10.41 39.26
CA GLN A 342 -26.93 11.49 40.23
C GLN A 342 -26.40 11.07 41.60
N GLY A 343 -26.71 9.85 42.03
CA GLY A 343 -26.16 9.35 43.27
C GLY A 343 -24.65 9.17 43.21
N TRP A 344 -24.15 8.71 42.05
CA TRP A 344 -22.72 8.58 41.83
C TRP A 344 -22.00 9.92 41.89
N GLY A 345 -22.60 10.94 41.26
CA GLY A 345 -21.99 12.26 41.28
C GLY A 345 -21.99 12.89 42.66
N THR A 346 -23.06 12.68 43.43
CA THR A 346 -23.10 13.17 44.79
C THR A 346 -22.05 12.51 45.67
N TRP A 347 -21.86 11.19 45.51
CA TRP A 347 -20.84 10.51 46.31
C TRP A 347 -19.42 10.93 45.88
N VAL A 348 -19.21 11.14 44.58
CA VAL A 348 -17.89 11.56 44.11
C VAL A 348 -17.58 12.97 44.58
N ALA A 349 -18.60 13.83 44.62
CA ALA A 349 -18.42 15.15 45.20
C ALA A 349 -18.14 15.07 46.70
N SER A 350 -18.71 14.06 47.37
CA SER A 350 -18.43 13.86 48.79
C SER A 350 -16.97 13.50 49.02
N TRP A 351 -16.42 12.59 48.21
CA TRP A 351 -15.06 12.06 48.44
C TRP A 351 -14.12 12.32 47.27
N PRO A 352 -13.92 13.61 46.93
CA PRO A 352 -13.28 13.92 45.65
C PRO A 352 -11.78 13.68 45.63
N LEU A 353 -11.08 13.99 46.72
CA LEU A 353 -9.63 13.81 46.78
C LEU A 353 -9.25 12.34 46.69
N THR A 354 -9.96 11.49 47.43
CA THR A 354 -9.67 10.07 47.41
C THR A 354 -10.03 9.45 46.06
N ILE A 355 -11.16 9.86 45.46
CA ILE A 355 -11.49 9.30 44.15
C ILE A 355 -10.52 9.81 43.08
N LEU A 356 -10.05 11.04 43.20
CA LEU A 356 -9.11 11.58 42.22
C LEU A 356 -7.75 10.89 42.30
N VAL A 357 -7.24 10.67 43.52
CA VAL A 357 -5.94 10.01 43.65
C VAL A 357 -6.05 8.53 43.25
N LEU A 358 -7.12 7.85 43.64
CA LEU A 358 -7.24 6.45 43.29
C LEU A 358 -7.64 6.21 41.85
N SER A 359 -8.08 7.25 41.13
CA SER A 359 -8.30 7.12 39.69
C SER A 359 -7.19 7.72 38.85
N VAL A 360 -6.25 8.44 39.46
CA VAL A 360 -5.10 8.91 38.70
C VAL A 360 -3.94 7.92 38.85
N ILE A 361 -3.90 7.19 39.95
CA ILE A 361 -2.85 6.18 40.10
C ILE A 361 -2.96 4.97 39.15
N PRO A 362 -4.16 4.50 38.67
CA PRO A 362 -4.12 3.39 37.70
C PRO A 362 -3.97 3.83 36.26
N VAL A 363 -3.54 5.08 36.03
CA VAL A 363 -3.23 5.54 34.68
C VAL A 363 -1.73 5.43 34.45
N VAL A 364 -0.94 5.64 35.51
CA VAL A 364 0.51 5.63 35.38
C VAL A 364 1.04 4.24 35.07
N ALA A 365 0.38 3.21 35.60
CA ALA A 365 0.78 1.83 35.32
C ALA A 365 0.56 1.48 33.85
N LEU A 366 -0.58 1.90 33.29
CA LEU A 366 -0.82 1.67 31.88
C LEU A 366 0.10 2.52 31.01
N ALA A 367 0.41 3.74 31.46
CA ALA A 367 1.31 4.61 30.71
C ALA A 367 2.75 4.10 30.74
N ALA A 368 3.11 3.27 31.72
CA ALA A 368 4.44 2.68 31.76
C ALA A 368 4.72 1.72 30.60
N GLY A 369 3.67 1.17 29.97
CA GLY A 369 3.88 0.29 28.84
C GLY A 369 4.50 0.98 27.64
N LEU A 370 4.22 2.27 27.47
CA LEU A 370 4.87 3.05 26.42
C LEU A 370 6.37 3.16 26.67
N VAL A 371 6.76 3.57 27.88
CA VAL A 371 8.16 3.75 28.19
C VAL A 371 8.90 2.43 28.31
N PHE A 372 8.20 1.32 28.52
CA PHE A 372 8.91 0.04 28.61
C PHE A 372 9.49 -0.39 27.28
N THR A 373 8.64 -0.76 26.32
CA THR A 373 9.14 -1.04 24.98
C THR A 373 8.52 -0.15 23.90
N GLU A 374 7.20 -0.22 23.68
CA GLU A 374 6.47 0.38 22.56
C GLU A 374 7.20 0.13 21.23
N LEU A 375 7.28 -1.15 20.87
CA LEU A 375 8.04 -1.51 19.68
C LEU A 375 7.29 -1.09 18.42
N THR A 376 7.96 -0.37 17.54
CA THR A 376 7.35 0.15 16.33
C THR A 376 7.67 -0.75 15.15
N THR A 377 6.85 -0.63 14.11
CA THR A 377 6.98 -1.42 12.89
C THR A 377 7.40 -0.47 11.77
N ASP A 378 8.68 -0.53 11.42
CA ASP A 378 9.25 0.31 10.36
C ASP A 378 8.83 -0.10 8.94
N PRO A 379 9.08 -1.35 8.47
CA PRO A 379 8.89 -1.64 7.04
C PRO A 379 7.43 -1.68 6.60
N VAL A 380 7.21 -2.10 5.36
CA VAL A 380 5.95 -1.90 4.69
C VAL A 380 5.10 -3.19 4.79
N GLU A 381 5.47 -4.08 5.72
CA GLU A 381 4.65 -5.24 6.06
C GLU A 381 3.65 -4.95 7.17
N LEU A 382 3.22 -3.69 7.30
CA LEU A 382 2.04 -3.32 8.05
C LEU A 382 0.92 -2.85 7.12
N TRP A 383 0.94 -3.33 5.88
CA TRP A 383 -0.07 -3.00 4.87
C TRP A 383 -0.54 -4.26 4.14
N SER A 384 -0.49 -5.40 4.80
CA SER A 384 -0.89 -6.66 4.17
C SER A 384 -1.51 -7.57 5.21
N ALA A 385 -2.58 -8.25 4.83
CA ALA A 385 -3.24 -9.18 5.74
C ALA A 385 -2.33 -10.38 5.99
N PRO A 386 -2.06 -10.73 7.25
CA PRO A 386 -1.04 -11.75 7.53
C PRO A 386 -1.45 -13.16 7.19
N ASN A 387 -2.73 -13.42 6.89
CA ASN A 387 -3.16 -14.75 6.49
C ASN A 387 -3.94 -14.72 5.17
N SER A 388 -3.84 -13.63 4.42
CA SER A 388 -4.57 -13.52 3.17
C SER A 388 -3.98 -14.48 2.13
N GLN A 389 -4.77 -14.72 1.09
CA GLN A 389 -4.35 -15.64 0.03
C GLN A 389 -3.15 -15.09 -0.73
N ALA A 390 -3.12 -13.77 -0.95
CA ALA A 390 -2.02 -13.17 -1.70
C ALA A 390 -0.71 -13.23 -0.93
N ARG A 391 -0.77 -13.30 0.40
CA ARG A 391 0.44 -13.51 1.18
C ARG A 391 0.73 -14.99 1.43
N SER A 392 -0.29 -15.84 1.40
CA SER A 392 -0.05 -17.28 1.45
C SER A 392 0.70 -17.76 0.22
N GLU A 393 0.36 -17.22 -0.96
CA GLU A 393 1.11 -17.54 -2.17
C GLU A 393 2.55 -17.06 -2.08
N LYS A 394 2.77 -15.89 -1.45
CA LYS A 394 4.12 -15.41 -1.24
C LYS A 394 4.90 -16.30 -0.30
N ALA A 395 4.25 -16.79 0.76
CA ALA A 395 4.93 -17.70 1.68
C ALA A 395 5.25 -19.04 1.03
N PHE A 396 4.45 -19.50 0.07
CA PHE A 396 4.77 -20.72 -0.66
C PHE A 396 5.96 -20.51 -1.60
N HIS A 397 5.90 -19.42 -2.38
CA HIS A 397 6.92 -19.13 -3.37
C HIS A 397 8.26 -18.82 -2.71
N ASP A 398 8.23 -18.10 -1.60
CA ASP A 398 9.45 -17.72 -0.90
C ASP A 398 10.12 -18.96 -0.31
N GLN A 399 9.32 -19.93 0.09
CA GLN A 399 9.87 -21.17 0.63
C GLN A 399 10.51 -22.00 -0.45
N HIS A 400 9.84 -22.18 -1.60
CA HIS A 400 10.39 -23.10 -2.58
C HIS A 400 11.37 -22.50 -3.58
N PHE A 401 11.44 -21.18 -3.74
CA PHE A 401 12.35 -20.63 -4.74
C PHE A 401 13.27 -19.55 -4.21
N GLY A 402 13.19 -19.22 -2.93
CA GLY A 402 13.96 -18.11 -2.40
C GLY A 402 13.26 -16.80 -2.66
N PRO A 403 13.52 -15.80 -1.83
CA PRO A 403 12.79 -14.54 -1.92
C PRO A 403 13.17 -13.73 -3.16
N PHE A 404 12.27 -12.80 -3.49
CA PHE A 404 12.46 -11.94 -4.65
C PHE A 404 13.65 -11.01 -4.44
N PHE A 405 14.35 -10.70 -5.53
CA PHE A 405 15.53 -9.87 -5.45
C PHE A 405 15.17 -8.40 -5.35
N ARG A 406 15.79 -7.71 -4.39
CA ARG A 406 15.65 -6.27 -4.28
C ARG A 406 16.33 -5.58 -5.45
N THR A 407 15.70 -4.53 -5.96
CA THR A 407 16.18 -3.86 -7.17
C THR A 407 16.43 -2.38 -6.88
N ASN A 408 17.55 -1.87 -7.41
CA ASN A 408 17.88 -0.46 -7.34
C ASN A 408 18.10 0.05 -8.75
N GLN A 409 17.50 1.19 -9.08
CA GLN A 409 17.49 1.65 -10.46
C GLN A 409 17.94 3.10 -10.56
N VAL A 410 18.52 3.42 -11.71
CA VAL A 410 18.90 4.78 -12.08
C VAL A 410 18.46 5.02 -13.52
N ILE A 411 17.85 6.17 -13.78
CA ILE A 411 17.41 6.56 -15.11
C ILE A 411 18.03 7.91 -15.43
N LEU A 412 18.44 8.10 -16.69
CA LEU A 412 19.31 9.22 -17.03
C LEU A 412 18.63 10.27 -17.89
N THR A 413 18.16 9.93 -19.10
CA THR A 413 17.30 10.74 -20.00
C THR A 413 17.82 12.17 -20.25
N ALA A 414 18.95 12.24 -20.95
CA ALA A 414 19.53 13.54 -21.30
C ALA A 414 18.63 14.32 -22.26
N PRO A 415 18.13 15.50 -21.87
CA PRO A 415 17.10 16.17 -22.66
C PRO A 415 17.61 17.25 -23.59
N ASN A 416 18.88 17.65 -23.48
CA ASN A 416 19.36 18.80 -24.24
C ASN A 416 19.83 18.44 -25.62
N ARG A 417 20.40 17.25 -25.81
CA ARG A 417 20.97 16.90 -27.09
C ARG A 417 19.89 16.63 -28.12
N SER A 418 20.29 16.61 -29.38
CA SER A 418 19.38 16.56 -30.51
C SER A 418 19.51 15.24 -31.25
N SER A 419 18.37 14.72 -31.69
CA SER A 419 18.38 13.49 -32.48
C SER A 419 19.04 13.74 -33.83
N TYR A 420 19.80 12.75 -34.30
CA TYR A 420 20.52 12.90 -35.56
C TYR A 420 20.37 11.66 -36.42
N ARG A 421 21.10 11.61 -37.53
CA ARG A 421 20.95 10.56 -38.52
C ARG A 421 22.22 9.74 -38.63
N TYR A 422 22.05 8.45 -38.93
CA TYR A 422 23.18 7.55 -39.15
C TYR A 422 22.76 6.52 -40.17
N ASP A 423 23.56 6.36 -41.22
CA ASP A 423 23.26 5.40 -42.28
C ASP A 423 24.06 4.13 -42.00
N SER A 424 23.49 3.27 -41.17
CA SER A 424 24.12 1.99 -40.86
C SER A 424 24.09 1.10 -42.10
N LEU A 425 25.19 0.35 -42.29
CA LEU A 425 25.37 -0.42 -43.51
C LEU A 425 24.39 -1.58 -43.61
N LEU A 426 23.95 -2.12 -42.47
CA LEU A 426 23.07 -3.30 -42.52
C LEU A 426 21.63 -2.90 -42.76
N LEU A 427 21.04 -2.13 -41.85
CA LEU A 427 19.62 -1.82 -41.91
C LEU A 427 19.31 -0.49 -42.60
N GLY A 428 20.32 0.21 -43.09
CA GLY A 428 20.09 1.43 -43.83
C GLY A 428 19.99 2.66 -42.95
N PRO A 429 19.03 3.53 -43.25
CA PRO A 429 18.90 4.75 -42.47
C PRO A 429 18.37 4.47 -41.08
N LYS A 430 18.91 5.19 -40.09
CA LYS A 430 18.45 5.07 -38.71
C LYS A 430 18.70 6.40 -38.03
N ASN A 431 17.63 7.03 -37.55
CA ASN A 431 17.68 8.37 -37.00
C ASN A 431 17.68 8.31 -35.46
N PHE A 432 18.88 8.16 -34.91
CA PHE A 432 19.12 7.95 -33.49
C PHE A 432 18.65 9.13 -32.63
N SER A 433 18.67 8.91 -31.32
CA SER A 433 18.35 9.95 -30.36
C SER A 433 19.64 10.50 -29.76
N GLY A 434 19.48 11.50 -28.89
CA GLY A 434 20.63 12.20 -28.35
C GLY A 434 21.29 11.52 -27.17
N ILE A 435 20.57 10.64 -26.48
CA ILE A 435 21.15 9.98 -25.31
C ILE A 435 22.15 8.90 -25.70
N LEU A 436 22.08 8.38 -26.92
CA LEU A 436 22.97 7.32 -27.36
C LEU A 436 24.23 7.84 -28.05
N ASP A 437 24.70 9.02 -27.68
CA ASP A 437 25.94 9.55 -28.21
C ASP A 437 27.07 8.95 -27.39
N LEU A 438 28.25 8.85 -28.00
CA LEU A 438 29.38 8.20 -27.35
C LEU A 438 29.98 9.04 -26.25
N ASP A 439 29.71 10.35 -26.22
CA ASP A 439 30.24 11.21 -25.17
C ASP A 439 29.55 11.00 -23.83
N LEU A 440 28.37 10.37 -23.82
CA LEU A 440 27.64 10.12 -22.59
C LEU A 440 27.79 8.70 -22.07
N LEU A 441 28.00 7.74 -22.97
CA LEU A 441 28.13 6.34 -22.55
C LEU A 441 29.38 6.12 -21.72
N LEU A 442 30.49 6.79 -22.07
CA LEU A 442 31.70 6.68 -21.28
C LEU A 442 31.51 7.31 -19.90
N GLU A 443 30.78 8.42 -19.83
CA GLU A 443 30.55 9.06 -18.54
C GLU A 443 29.58 8.25 -17.69
N LEU A 444 28.71 7.44 -18.32
CA LEU A 444 27.91 6.49 -17.55
C LEU A 444 28.74 5.31 -17.09
N LEU A 445 29.69 4.87 -17.93
CA LEU A 445 30.53 3.73 -17.59
C LEU A 445 31.44 4.05 -16.41
N GLU A 446 31.93 5.29 -16.32
CA GLU A 446 32.75 5.67 -15.19
C GLU A 446 31.96 5.84 -13.89
N LEU A 447 30.63 5.89 -13.96
CA LEU A 447 29.80 5.78 -12.77
C LEU A 447 29.47 4.34 -12.42
N GLN A 448 29.24 3.51 -13.44
CA GLN A 448 28.89 2.11 -13.18
C GLN A 448 30.05 1.34 -12.59
N GLU A 449 31.25 1.50 -13.16
CA GLU A 449 32.38 0.74 -12.64
C GLU A 449 32.87 1.27 -11.29
N ARG A 450 32.49 2.49 -10.92
CA ARG A 450 32.79 2.97 -9.57
C ARG A 450 31.71 2.61 -8.58
N LEU A 451 30.47 2.40 -9.02
CA LEU A 451 29.49 1.81 -8.12
C LEU A 451 29.74 0.34 -7.88
N ARG A 452 30.42 -0.33 -8.82
CA ARG A 452 30.75 -1.73 -8.59
C ARG A 452 31.77 -1.90 -7.48
N HIS A 453 32.77 -1.02 -7.42
CA HIS A 453 33.79 -1.09 -6.38
C HIS A 453 33.46 -0.11 -5.26
N LEU A 454 32.46 -0.47 -4.47
CA LEU A 454 32.01 0.35 -3.34
C LEU A 454 32.06 -0.48 -2.07
N GLN A 455 32.65 0.09 -1.02
CA GLN A 455 32.79 -0.60 0.26
C GLN A 455 32.31 0.31 1.38
N VAL A 456 31.60 -0.27 2.35
CA VAL A 456 31.01 0.48 3.45
C VAL A 456 31.30 -0.23 4.77
N TRP A 457 31.56 0.55 5.81
CA TRP A 457 31.77 0.02 7.15
C TRP A 457 30.44 -0.23 7.84
N SER A 458 30.33 -1.35 8.53
CA SER A 458 29.08 -1.81 9.11
C SER A 458 29.08 -1.67 10.63
N PRO A 459 27.92 -1.85 11.27
CA PRO A 459 27.91 -1.96 12.74
C PRO A 459 28.73 -3.13 13.25
N GLU A 460 28.70 -4.25 12.53
CA GLU A 460 29.68 -5.31 12.78
C GLU A 460 31.04 -4.81 12.32
N ALA A 461 31.88 -4.41 13.27
CA ALA A 461 33.08 -3.64 12.97
C ALA A 461 34.18 -4.46 12.29
N GLN A 462 34.07 -5.78 12.27
CA GLN A 462 35.19 -6.61 11.80
C GLN A 462 35.37 -6.50 10.29
N ARG A 463 34.30 -6.61 9.52
CA ARG A 463 34.41 -6.79 8.08
C ARG A 463 33.88 -5.57 7.33
N ASN A 464 34.70 -5.03 6.44
CA ASN A 464 34.28 -4.02 5.50
C ASN A 464 33.53 -4.68 4.32
N ILE A 465 32.29 -4.26 4.13
CA ILE A 465 31.37 -4.94 3.22
C ILE A 465 31.66 -4.55 1.78
N SER A 466 31.85 -5.55 0.93
CA SER A 466 31.98 -5.33 -0.51
C SER A 466 30.62 -5.58 -1.17
N LEU A 467 30.60 -5.63 -2.50
CA LEU A 467 29.37 -5.92 -3.21
C LEU A 467 29.16 -7.41 -3.47
N GLN A 468 30.24 -8.20 -3.49
CA GLN A 468 30.11 -9.62 -3.79
C GLN A 468 29.39 -10.39 -2.69
N ASP A 469 29.39 -9.87 -1.46
CA ASP A 469 28.68 -10.55 -0.37
C ASP A 469 27.17 -10.55 -0.56
N ILE A 470 26.61 -9.48 -1.13
CA ILE A 470 25.17 -9.29 -1.09
C ILE A 470 24.57 -9.06 -2.46
N CYS A 471 25.21 -9.57 -3.51
CA CYS A 471 24.72 -9.40 -4.86
C CYS A 471 24.00 -10.64 -5.34
N TYR A 472 23.00 -10.45 -6.19
CA TYR A 472 22.22 -11.56 -6.76
C TYR A 472 22.95 -12.07 -7.99
N ALA A 473 23.72 -13.13 -7.83
CA ALA A 473 24.46 -13.70 -8.95
C ALA A 473 23.74 -14.96 -9.42
N PRO A 474 23.08 -14.93 -10.57
CA PRO A 474 22.29 -16.09 -10.98
C PRO A 474 23.10 -17.25 -11.51
N LEU A 475 24.40 -17.08 -11.75
CA LEU A 475 25.22 -18.12 -12.32
C LEU A 475 26.19 -18.77 -11.35
N ASN A 476 26.70 -18.03 -10.36
CA ASN A 476 27.75 -18.54 -9.49
C ASN A 476 27.51 -18.06 -8.07
N PRO A 477 26.51 -18.63 -7.38
CA PRO A 477 26.25 -18.22 -6.00
C PRO A 477 27.19 -18.84 -4.98
N ASP A 478 27.99 -19.85 -5.37
CA ASP A 478 28.80 -20.56 -4.37
C ASP A 478 29.94 -19.71 -3.83
N ASN A 479 30.69 -19.05 -4.72
CA ASN A 479 31.73 -18.10 -4.32
C ASN A 479 31.69 -16.99 -5.36
N THR A 480 30.88 -15.97 -5.09
CA THR A 480 30.57 -14.97 -6.10
C THR A 480 31.75 -14.05 -6.29
N SER A 481 32.44 -14.18 -7.42
CA SER A 481 33.44 -13.19 -7.78
C SER A 481 32.74 -11.88 -8.09
N LEU A 482 33.52 -10.79 -8.07
CA LEU A 482 32.93 -9.45 -8.15
C LEU A 482 32.39 -9.14 -9.53
N TYR A 483 32.81 -9.86 -10.56
CA TYR A 483 32.33 -9.63 -11.93
C TYR A 483 31.10 -10.46 -12.27
N ASP A 484 30.58 -11.25 -11.35
CA ASP A 484 29.43 -12.11 -11.62
C ASP A 484 28.15 -11.58 -11.03
N CYS A 485 28.12 -10.33 -10.58
CA CYS A 485 26.93 -9.77 -9.96
C CYS A 485 26.07 -9.08 -11.01
N CYS A 486 24.76 -9.21 -10.86
CA CYS A 486 23.80 -8.74 -11.86
C CYS A 486 23.79 -7.23 -11.89
N ILE A 487 24.35 -6.65 -12.94
CA ILE A 487 24.39 -5.20 -13.15
C ILE A 487 23.82 -4.94 -14.54
N ASN A 488 22.52 -4.76 -14.64
CA ASN A 488 21.89 -4.61 -15.94
C ASN A 488 22.10 -3.20 -16.46
N SER A 489 22.54 -3.09 -17.71
CA SER A 489 22.73 -1.80 -18.35
C SER A 489 23.04 -2.03 -19.81
N LEU A 490 22.98 -0.94 -20.60
CA LEU A 490 23.30 -1.03 -22.01
C LEU A 490 24.78 -1.34 -22.23
N LEU A 491 25.64 -0.91 -21.29
CA LEU A 491 27.09 -1.08 -21.43
C LEU A 491 27.52 -2.54 -21.44
N GLN A 492 26.70 -3.42 -20.85
CA GLN A 492 26.96 -4.85 -20.87
C GLN A 492 26.62 -5.52 -22.19
N TYR A 493 26.22 -4.77 -23.23
CA TYR A 493 26.34 -5.31 -24.58
C TYR A 493 27.80 -5.39 -25.02
N PHE A 494 28.69 -4.60 -24.41
CA PHE A 494 30.12 -4.70 -24.68
C PHE A 494 30.87 -5.25 -23.47
N GLN A 495 30.17 -5.83 -22.51
CA GLN A 495 30.75 -6.44 -21.32
C GLN A 495 31.48 -5.44 -20.43
N ASN A 496 31.10 -4.17 -20.49
CA ASN A 496 31.71 -3.04 -19.79
C ASN A 496 33.15 -2.76 -20.24
N ASN A 497 33.58 -3.27 -21.37
CA ASN A 497 34.94 -3.05 -21.84
C ASN A 497 35.03 -1.72 -22.55
N ARG A 498 35.97 -0.88 -22.14
CA ARG A 498 36.12 0.42 -22.79
C ARG A 498 36.67 0.27 -24.20
N THR A 499 37.67 -0.60 -24.37
CA THR A 499 38.29 -0.76 -25.68
C THR A 499 37.36 -1.41 -26.68
N LEU A 500 36.52 -2.33 -26.22
CA LEU A 500 35.51 -2.93 -27.11
C LEU A 500 34.49 -1.89 -27.54
N LEU A 501 34.13 -0.98 -26.63
CA LEU A 501 33.18 0.08 -26.97
C LEU A 501 33.79 1.04 -27.97
N LEU A 502 35.08 1.37 -27.81
CA LEU A 502 35.77 2.22 -28.78
C LEU A 502 36.45 1.35 -29.83
N LEU A 503 35.64 0.78 -30.72
CA LEU A 503 36.14 -0.11 -31.75
C LEU A 503 35.50 0.26 -33.09
N THR A 504 36.35 0.42 -34.11
CA THR A 504 35.92 0.70 -35.47
C THR A 504 36.52 -0.34 -36.39
N ALA A 505 35.68 -0.94 -37.24
CA ALA A 505 36.12 -2.02 -38.10
C ALA A 505 35.74 -1.74 -39.54
N ASN A 506 36.65 -2.03 -40.46
CA ASN A 506 36.35 -2.01 -41.88
C ASN A 506 35.41 -3.15 -42.23
N GLN A 507 34.38 -2.84 -43.02
CA GLN A 507 33.46 -3.87 -43.52
C GLN A 507 32.97 -3.47 -44.90
N THR A 508 33.00 -4.43 -45.82
CA THR A 508 32.70 -4.17 -47.22
C THR A 508 31.64 -5.14 -47.72
N LEU A 509 30.61 -4.60 -48.37
CA LEU A 509 29.62 -5.38 -49.10
C LEU A 509 29.62 -5.04 -50.58
N MET A 510 30.71 -4.42 -51.06
CA MET A 510 30.94 -3.80 -52.36
C MET A 510 30.26 -2.42 -52.48
N GLY A 511 29.46 -2.01 -51.50
CA GLY A 511 28.87 -0.69 -51.44
C GLY A 511 29.07 -0.11 -50.06
N GLN A 512 30.27 -0.33 -49.49
CA GLN A 512 30.49 -0.14 -48.06
C GLN A 512 30.40 1.33 -47.65
N THR A 513 31.30 2.17 -48.16
CA THR A 513 31.32 3.62 -47.98
C THR A 513 31.48 4.07 -46.53
N SER A 514 31.94 3.21 -45.63
CA SER A 514 32.03 3.51 -44.20
C SER A 514 32.67 2.32 -43.49
N GLN A 515 33.02 2.55 -42.23
CA GLN A 515 33.43 1.49 -41.32
C GLN A 515 32.39 1.38 -40.22
N VAL A 516 32.19 0.16 -39.72
CA VAL A 516 31.13 -0.09 -38.75
C VAL A 516 31.62 0.26 -37.35
N ASP A 517 30.85 1.08 -36.65
CA ASP A 517 31.15 1.51 -35.30
C ASP A 517 30.31 0.71 -34.30
N TRP A 518 30.29 1.17 -33.05
CA TRP A 518 29.63 0.42 -31.98
C TRP A 518 28.11 0.38 -32.16
N LYS A 519 27.53 1.42 -32.76
CA LYS A 519 26.07 1.49 -32.87
C LYS A 519 25.53 0.44 -33.84
N ASP A 520 26.33 0.06 -34.84
CA ASP A 520 25.94 -1.00 -35.75
C ASP A 520 25.87 -2.34 -35.02
N HIS A 521 26.73 -2.53 -34.03
CA HIS A 521 26.68 -3.73 -33.20
C HIS A 521 25.55 -3.68 -32.18
N PHE A 522 25.26 -2.49 -31.65
CA PHE A 522 24.17 -2.35 -30.68
C PHE A 522 22.81 -2.60 -31.35
N LEU A 523 22.66 -2.15 -32.60
CA LEU A 523 21.42 -2.40 -33.32
C LEU A 523 21.20 -3.87 -33.57
N TYR A 524 22.27 -4.62 -33.83
CA TYR A 524 22.15 -6.06 -33.99
C TYR A 524 21.80 -6.74 -32.67
N CYS A 525 22.48 -6.35 -31.58
CA CYS A 525 22.25 -7.03 -30.31
C CYS A 525 20.89 -6.70 -29.71
N ALA A 526 20.30 -5.56 -30.09
CA ALA A 526 18.95 -5.27 -29.62
C ALA A 526 17.92 -6.24 -30.19
N ASN A 527 18.10 -6.64 -31.45
CA ASN A 527 17.11 -7.52 -32.08
C ASN A 527 17.17 -8.93 -31.52
N ALA A 528 18.37 -9.48 -31.33
CA ALA A 528 18.54 -10.84 -30.85
C ALA A 528 19.57 -10.86 -29.73
N PRO A 529 19.15 -10.87 -28.47
CA PRO A 529 20.10 -10.77 -27.36
C PRO A 529 20.89 -12.04 -27.10
N LEU A 530 20.51 -13.18 -27.70
CA LEU A 530 21.15 -14.45 -27.41
C LEU A 530 22.37 -14.73 -28.27
N THR A 531 22.70 -13.84 -29.21
CA THR A 531 23.77 -14.10 -30.15
C THR A 531 25.13 -14.04 -29.45
N PHE A 532 26.01 -14.98 -29.80
CA PHE A 532 27.38 -14.99 -29.30
C PHE A 532 28.38 -14.42 -30.30
N LYS A 533 28.19 -14.67 -31.58
CA LYS A 533 29.04 -14.13 -32.63
C LYS A 533 28.21 -13.14 -33.45
N ASP A 534 28.56 -11.87 -33.35
CA ASP A 534 27.86 -10.84 -34.11
C ASP A 534 28.11 -11.01 -35.59
N GLY A 535 27.10 -10.71 -36.40
CA GLY A 535 27.16 -10.85 -37.84
C GLY A 535 27.83 -9.71 -38.58
N THR A 536 28.44 -8.77 -37.87
CA THR A 536 29.15 -7.67 -38.49
C THR A 536 30.60 -8.07 -38.75
N ALA A 537 31.39 -7.12 -39.27
CA ALA A 537 32.81 -7.36 -39.48
C ALA A 537 33.54 -7.54 -38.16
N LEU A 538 33.29 -6.65 -37.20
CA LEU A 538 33.77 -6.85 -35.84
C LEU A 538 32.86 -7.84 -35.14
N ALA A 539 33.45 -8.74 -34.38
CA ALA A 539 32.70 -9.79 -33.68
C ALA A 539 32.73 -9.51 -32.18
N LEU A 540 31.56 -9.40 -31.59
CA LEU A 540 31.44 -9.20 -30.15
C LEU A 540 30.13 -9.81 -29.68
N SER A 541 30.20 -10.61 -28.63
CA SER A 541 29.01 -11.26 -28.10
C SER A 541 28.09 -10.23 -27.45
N CYS A 542 26.78 -10.48 -27.56
CA CYS A 542 25.78 -9.62 -26.95
C CYS A 542 25.48 -10.02 -25.51
N MET A 543 26.22 -10.97 -24.95
CA MET A 543 26.00 -11.41 -23.59
C MET A 543 26.82 -10.57 -22.62
N ALA A 544 26.33 -10.49 -21.39
CA ALA A 544 26.98 -9.66 -20.37
C ALA A 544 28.24 -10.35 -19.84
N ASP A 545 28.83 -9.76 -18.81
CA ASP A 545 30.02 -10.34 -18.21
C ASP A 545 29.70 -11.66 -17.52
N TYR A 546 28.61 -11.69 -16.75
CA TYR A 546 28.05 -12.96 -16.32
C TYR A 546 27.28 -13.57 -17.49
N GLY A 547 27.37 -14.88 -17.64
CA GLY A 547 26.90 -15.51 -18.86
C GLY A 547 25.39 -15.60 -19.00
N ALA A 548 24.73 -14.46 -19.18
CA ALA A 548 23.30 -14.43 -19.41
C ALA A 548 22.98 -13.29 -20.37
N PRO A 549 21.95 -13.44 -21.18
CA PRO A 549 21.55 -12.35 -22.07
C PRO A 549 20.88 -11.24 -21.28
N VAL A 550 20.96 -10.03 -21.83
CA VAL A 550 20.26 -8.89 -21.29
C VAL A 550 19.29 -8.37 -22.35
N PHE A 551 18.02 -8.26 -21.98
CA PHE A 551 17.00 -7.87 -22.93
C PHE A 551 16.98 -6.36 -23.10
N PRO A 552 16.43 -5.87 -24.21
CA PRO A 552 16.44 -4.43 -24.45
C PRO A 552 15.53 -3.65 -23.51
N PHE A 553 14.43 -4.24 -23.05
CA PHE A 553 13.53 -3.49 -22.17
C PHE A 553 14.11 -3.30 -20.77
N LEU A 554 15.09 -4.10 -20.38
CA LEU A 554 15.79 -3.91 -19.12
C LEU A 554 16.93 -2.92 -19.23
N ALA A 555 17.22 -2.40 -20.41
CA ALA A 555 18.34 -1.50 -20.61
C ALA A 555 17.92 -0.10 -21.06
N ILE A 556 17.05 0.01 -22.06
CA ILE A 556 16.62 1.30 -22.57
C ILE A 556 15.11 1.37 -22.53
N GLY A 557 14.60 2.60 -22.57
CA GLY A 557 13.17 2.82 -22.48
C GLY A 557 12.71 3.98 -23.34
N GLY A 558 11.40 4.19 -23.37
CA GLY A 558 10.80 5.26 -24.16
C GLY A 558 11.00 5.08 -25.64
N TYR A 559 10.74 3.87 -26.14
CA TYR A 559 11.10 3.46 -27.49
C TYR A 559 9.93 2.77 -28.20
N LYS A 560 8.70 3.20 -27.89
CA LYS A 560 7.48 2.48 -28.26
C LYS A 560 7.28 2.43 -29.78
N GLY A 561 7.54 3.54 -30.47
CA GLY A 561 7.61 3.51 -31.91
C GLY A 561 9.03 3.76 -32.35
N LYS A 562 9.39 3.28 -33.56
CA LYS A 562 10.74 3.41 -34.10
C LYS A 562 11.73 2.67 -33.18
N ASP A 563 11.57 1.35 -33.20
CA ASP A 563 12.08 0.47 -32.15
C ASP A 563 13.60 0.46 -32.06
N TYR A 564 14.11 0.54 -30.82
CA TYR A 564 15.51 0.31 -30.49
C TYR A 564 16.46 1.35 -31.08
N SER A 565 15.94 2.53 -31.44
CA SER A 565 16.78 3.51 -32.09
C SER A 565 16.60 4.88 -31.45
N GLU A 566 15.43 5.12 -30.89
CA GLU A 566 15.05 6.44 -30.37
C GLU A 566 14.79 6.29 -28.87
N ALA A 567 15.70 5.63 -28.19
CA ALA A 567 15.58 5.52 -26.74
C ALA A 567 15.82 6.88 -26.11
N GLU A 568 14.91 7.30 -25.24
CA GLU A 568 15.02 8.59 -24.59
C GLU A 568 15.55 8.48 -23.18
N ALA A 569 16.01 7.29 -22.77
CA ALA A 569 16.51 7.12 -21.41
C ALA A 569 17.27 5.81 -21.27
N LEU A 570 18.50 5.88 -20.79
CA LEU A 570 19.23 4.68 -20.40
C LEU A 570 18.77 4.25 -19.01
N ILE A 571 19.08 3.01 -18.66
CA ILE A 571 18.66 2.44 -17.39
C ILE A 571 19.81 1.63 -16.80
N MET A 572 20.07 1.84 -15.51
CA MET A 572 21.05 1.06 -14.77
C MET A 572 20.33 0.36 -13.63
N THR A 573 20.56 -0.93 -13.48
CA THR A 573 19.87 -1.73 -12.47
C THR A 573 20.86 -2.58 -11.70
N PHE A 574 20.78 -2.53 -10.38
CA PHE A 574 21.53 -3.39 -9.49
C PHE A 574 20.55 -4.30 -8.76
N SER A 575 20.86 -5.59 -8.72
CA SER A 575 20.00 -6.56 -8.06
C SER A 575 20.73 -7.14 -6.86
N LEU A 576 20.09 -7.08 -5.69
CA LEU A 576 20.67 -7.56 -4.45
C LEU A 576 19.72 -8.60 -3.87
N ASN A 577 20.24 -9.76 -3.50
CA ASN A 577 19.36 -10.84 -3.04
C ASN A 577 18.79 -10.51 -1.66
N ASN A 578 17.52 -10.83 -1.48
CA ASN A 578 16.79 -10.49 -0.28
C ASN A 578 16.82 -11.66 0.70
N TYR A 579 16.68 -11.34 1.98
CA TYR A 579 16.63 -12.32 3.05
C TYR A 579 15.46 -12.02 3.95
N PRO A 580 15.10 -12.93 4.85
CA PRO A 580 14.09 -12.61 5.87
C PRO A 580 14.57 -11.52 6.82
N ALA A 581 13.62 -10.93 7.54
CA ALA A 581 13.88 -9.72 8.31
C ALA A 581 14.85 -9.94 9.48
N GLY A 582 14.95 -11.15 9.99
CA GLY A 582 15.85 -11.41 11.11
C GLY A 582 17.28 -11.68 10.75
N ASP A 583 17.58 -11.92 9.48
CA ASP A 583 18.93 -12.29 9.08
C ASP A 583 19.85 -11.07 9.16
N PRO A 584 21.08 -11.24 9.65
CA PRO A 584 22.02 -10.12 9.67
C PRO A 584 22.46 -9.65 8.28
N ARG A 585 22.39 -10.50 7.26
CA ARG A 585 22.79 -10.08 5.92
C ARG A 585 21.84 -9.04 5.35
N LEU A 586 20.56 -9.10 5.72
CA LEU A 586 19.66 -8.04 5.32
C LEU A 586 19.99 -6.74 6.06
N ALA A 587 20.48 -6.85 7.29
CA ALA A 587 20.90 -5.65 8.01
C ALA A 587 22.15 -5.05 7.39
N GLN A 588 23.04 -5.88 6.85
CA GLN A 588 24.26 -5.39 6.24
C GLN A 588 24.14 -5.17 4.73
N ALA A 589 22.98 -5.43 4.15
CA ALA A 589 22.72 -5.07 2.76
C ALA A 589 21.87 -3.84 2.61
N LYS A 590 21.16 -3.44 3.67
CA LYS A 590 20.51 -2.13 3.69
C LYS A 590 21.50 -1.02 3.95
N LEU A 591 22.70 -1.33 4.40
CA LEU A 591 23.72 -0.32 4.63
C LEU A 591 24.53 -0.05 3.37
N TRP A 592 24.52 -0.97 2.40
CA TRP A 592 25.15 -0.68 1.11
C TRP A 592 24.27 0.24 0.28
N GLU A 593 22.95 0.06 0.36
CA GLU A 593 22.05 0.89 -0.43
C GLU A 593 22.07 2.34 0.02
N GLU A 594 22.33 2.58 1.31
CA GLU A 594 22.45 3.95 1.80
C GLU A 594 23.66 4.65 1.19
N ALA A 595 24.79 3.95 1.10
CA ALA A 595 25.95 4.55 0.45
C ALA A 595 25.75 4.67 -1.05
N PHE A 596 24.98 3.76 -1.64
CA PHE A 596 24.64 3.87 -3.07
C PHE A 596 23.82 5.12 -3.33
N LEU A 597 22.83 5.39 -2.48
CA LEU A 597 22.04 6.61 -2.60
C LEU A 597 22.88 7.85 -2.34
N GLU A 598 23.74 7.83 -1.33
CA GLU A 598 24.55 8.99 -0.99
C GLU A 598 25.63 9.25 -2.03
N GLU A 599 26.04 8.23 -2.78
CA GLU A 599 26.97 8.45 -3.86
C GLU A 599 26.27 8.90 -5.14
N MET A 600 25.07 8.39 -5.42
CA MET A 600 24.36 8.87 -6.60
C MET A 600 23.85 10.29 -6.42
N ARG A 601 23.56 10.70 -5.18
CA ARG A 601 23.19 12.09 -4.94
C ARG A 601 24.36 13.04 -5.18
N ALA A 602 25.59 12.60 -4.96
CA ALA A 602 26.75 13.38 -5.36
C ALA A 602 27.01 13.29 -6.85
N PHE A 603 26.66 12.17 -7.49
CA PHE A 603 26.78 12.08 -8.94
C PHE A 603 25.81 13.02 -9.64
N GLN A 604 24.63 13.24 -9.04
CA GLN A 604 23.62 14.09 -9.67
C GLN A 604 24.08 15.54 -9.77
N ARG A 605 24.75 16.05 -8.75
CA ARG A 605 25.25 17.42 -8.76
C ARG A 605 26.63 17.56 -9.38
N ARG A 606 27.32 16.44 -9.65
CA ARG A 606 28.61 16.54 -10.32
C ARG A 606 28.46 16.84 -11.80
N MET A 607 27.29 16.60 -12.36
CA MET A 607 27.02 16.96 -13.75
C MET A 607 25.53 17.25 -13.88
N ALA A 608 25.21 18.48 -14.32
CA ALA A 608 23.83 18.90 -14.49
C ALA A 608 23.51 19.38 -15.89
N GLY A 609 24.52 19.72 -16.69
CA GLY A 609 24.29 20.17 -18.04
C GLY A 609 24.16 19.07 -19.07
N MET A 610 24.18 17.82 -18.66
CA MET A 610 24.12 16.72 -19.62
C MET A 610 23.27 15.54 -19.20
N PHE A 611 22.63 15.57 -18.02
CA PHE A 611 21.80 14.47 -17.57
C PHE A 611 20.73 14.99 -16.63
N GLN A 612 19.68 14.20 -16.45
CA GLN A 612 18.74 14.36 -15.33
C GLN A 612 18.57 12.99 -14.70
N VAL A 613 19.51 12.63 -13.83
CA VAL A 613 19.51 11.30 -13.24
C VAL A 613 18.51 11.26 -12.09
N THR A 614 17.64 10.26 -12.10
CA THR A 614 16.73 10.00 -11.00
C THR A 614 16.89 8.54 -10.59
N PHE A 615 16.94 8.29 -9.30
CA PHE A 615 17.33 7.00 -8.78
C PHE A 615 16.27 6.50 -7.81
N MET A 616 16.43 5.24 -7.40
CA MET A 616 15.60 4.68 -6.36
C MET A 616 16.23 3.39 -5.87
N ALA A 617 16.39 3.28 -4.56
CA ALA A 617 16.78 2.03 -3.93
C ALA A 617 15.57 1.46 -3.21
N GLU A 618 15.57 0.14 -2.99
CA GLU A 618 14.46 -0.49 -2.30
C GLU A 618 14.40 -0.11 -0.83
N ARG A 619 15.52 0.32 -0.25
CA ARG A 619 15.52 0.91 1.08
C ARG A 619 14.78 2.25 1.12
N SER A 620 14.65 2.94 -0.01
CA SER A 620 14.28 4.34 -0.01
C SER A 620 12.82 4.56 0.37
N LEU A 621 11.90 3.75 -0.18
CA LEU A 621 10.48 4.01 0.03
C LEU A 621 10.05 3.67 1.45
N GLU A 622 10.59 2.60 2.02
CA GLU A 622 10.19 2.22 3.37
C GLU A 622 10.93 3.00 4.44
N ASP A 623 11.94 3.78 4.07
CA ASP A 623 12.65 4.65 5.02
C ASP A 623 12.57 6.11 4.61
N GLU A 624 11.56 6.47 3.84
CA GLU A 624 11.27 7.87 3.55
C GLU A 624 9.85 8.28 3.94
N ILE A 625 8.89 7.35 3.95
CA ILE A 625 7.57 7.65 4.50
C ILE A 625 7.56 7.68 6.01
N ASN A 626 8.61 7.16 6.67
CA ASN A 626 8.74 7.32 8.11
C ASN A 626 9.36 8.65 8.49
N ARG A 627 10.17 9.23 7.59
CA ARG A 627 10.83 10.50 7.86
C ARG A 627 9.83 11.64 8.03
N THR A 628 8.82 11.69 7.17
CA THR A 628 7.84 12.78 7.23
C THR A 628 6.97 12.67 8.47
N THR A 629 6.60 11.45 8.85
CA THR A 629 5.83 11.27 10.08
C THR A 629 6.67 11.56 11.31
N ALA A 630 7.96 11.27 11.26
CA ALA A 630 8.83 11.51 12.41
C ALA A 630 9.41 12.91 12.45
N GLU A 631 9.13 13.76 11.45
CA GLU A 631 9.62 15.13 11.46
C GLU A 631 8.53 16.15 11.72
N ASP A 632 7.35 15.72 12.18
CA ASP A 632 6.24 16.64 12.37
C ASP A 632 5.51 16.48 13.69
N LEU A 633 6.06 15.71 14.64
CA LEU A 633 5.50 15.67 15.98
C LEU A 633 5.51 17.03 16.69
N PRO A 634 6.61 17.80 16.70
CA PRO A 634 6.53 19.15 17.28
C PRO A 634 5.60 20.09 16.54
N ILE A 635 5.39 19.88 15.23
CA ILE A 635 4.44 20.71 14.50
C ILE A 635 3.01 20.23 14.68
N PHE A 636 2.80 19.11 15.37
CA PHE A 636 1.48 18.71 15.82
C PHE A 636 1.29 18.83 17.32
N ALA A 637 2.33 19.21 18.07
CA ALA A 637 2.16 19.50 19.49
C ALA A 637 1.30 20.74 19.73
N THR A 638 1.23 21.65 18.75
CA THR A 638 0.31 22.78 18.82
C THR A 638 -1.15 22.35 18.67
N SER A 639 -1.41 21.14 18.15
CA SER A 639 -2.77 20.63 18.05
C SER A 639 -3.39 20.44 19.42
N TYR A 640 -2.71 19.70 20.30
CA TYR A 640 -3.27 19.46 21.63
C TYR A 640 -2.85 20.52 22.64
N ILE A 641 -2.45 21.71 22.18
CA ILE A 641 -2.35 22.87 23.04
C ILE A 641 -3.29 23.93 22.47
N VAL A 642 -3.64 23.81 21.19
CA VAL A 642 -4.70 24.64 20.64
C VAL A 642 -6.07 24.04 20.97
N ILE A 643 -6.10 22.79 21.43
CA ILE A 643 -7.28 22.29 22.13
C ILE A 643 -7.53 23.09 23.41
N PHE A 644 -6.47 23.48 24.11
CA PHE A 644 -6.64 24.22 25.37
C PHE A 644 -7.25 25.60 25.15
N LEU A 645 -6.79 26.32 24.13
CA LEU A 645 -7.13 27.73 24.03
C LEU A 645 -8.54 27.97 23.51
N TYR A 646 -9.22 26.94 23.00
CA TYR A 646 -10.53 27.19 22.42
C TYR A 646 -11.65 27.19 23.46
N ILE A 647 -11.44 26.52 24.60
CA ILE A 647 -12.43 26.62 25.69
C ILE A 647 -12.45 28.04 26.25
N SER A 648 -11.29 28.68 26.33
CA SER A 648 -11.22 30.06 26.80
C SER A 648 -11.87 31.01 25.81
N LEU A 668 -9.53 24.20 35.34
CA LEU A 668 -10.78 23.46 35.13
C LEU A 668 -10.90 23.04 33.68
N GLY A 669 -10.13 23.69 32.82
CA GLY A 669 -10.07 23.31 31.42
C GLY A 669 -8.76 22.62 31.09
N LEU A 670 -7.69 23.04 31.77
CA LEU A 670 -6.42 22.35 31.65
C LEU A 670 -6.52 20.94 32.22
N GLY A 671 -7.28 20.79 33.32
CA GLY A 671 -7.45 19.47 33.91
C GLY A 671 -8.22 18.52 33.00
N GLY A 672 -9.22 19.03 32.29
CA GLY A 672 -9.98 18.19 31.38
C GLY A 672 -9.16 17.69 30.20
N VAL A 673 -8.37 18.58 29.60
CA VAL A 673 -7.53 18.17 28.48
C VAL A 673 -6.41 17.25 28.98
N ALA A 674 -5.94 17.46 30.20
CA ALA A 674 -4.98 16.54 30.80
C ALA A 674 -5.61 15.18 31.05
N VAL A 675 -6.89 15.15 31.44
CA VAL A 675 -7.63 13.91 31.63
C VAL A 675 -7.75 13.14 30.32
N VAL A 676 -8.14 13.83 29.26
CA VAL A 676 -8.31 13.15 27.97
C VAL A 676 -6.98 12.69 27.40
N LEU A 677 -5.93 13.50 27.57
CA LEU A 677 -4.60 13.11 27.11
C LEU A 677 -4.04 11.94 27.90
N GLY A 678 -4.29 11.91 29.21
CA GLY A 678 -3.88 10.78 30.00
C GLY A 678 -4.62 9.51 29.64
N ALA A 679 -5.91 9.64 29.32
CA ALA A 679 -6.70 8.48 28.89
C ALA A 679 -6.19 7.94 27.55
N VAL A 680 -5.91 8.83 26.61
CA VAL A 680 -5.43 8.38 25.30
C VAL A 680 -4.02 7.80 25.41
N MET A 681 -3.18 8.36 26.28
CA MET A 681 -1.85 7.81 26.47
C MET A 681 -1.90 6.44 27.16
N ALA A 682 -2.82 6.26 28.11
CA ALA A 682 -2.97 4.96 28.76
C ALA A 682 -3.49 3.92 27.79
N ALA A 683 -4.46 4.29 26.95
CA ALA A 683 -4.96 3.34 25.96
C ALA A 683 -3.90 3.02 24.92
N MET A 684 -3.06 3.99 24.58
CA MET A 684 -1.95 3.77 23.66
C MET A 684 -0.93 2.81 24.25
N GLY A 685 -0.61 2.96 25.53
CA GLY A 685 0.42 2.14 26.14
C GLY A 685 -0.05 0.80 26.65
N PHE A 686 -1.37 0.61 26.76
CA PHE A 686 -1.89 -0.66 27.28
C PHE A 686 -1.60 -1.82 26.35
N PHE A 687 -1.57 -1.58 25.04
CA PHE A 687 -1.39 -2.67 24.09
C PHE A 687 0.04 -3.18 24.03
N SER A 688 1.00 -2.49 24.63
CA SER A 688 2.36 -2.98 24.65
C SER A 688 2.49 -4.24 25.50
N TYR A 689 1.72 -4.32 26.59
CA TYR A 689 1.77 -5.50 27.46
C TYR A 689 1.22 -6.73 26.74
N LEU A 690 0.11 -6.57 26.02
CA LEU A 690 -0.44 -7.68 25.26
C LEU A 690 0.45 -8.04 24.10
N GLY A 691 1.09 -7.04 23.50
CA GLY A 691 1.97 -7.24 22.37
C GLY A 691 1.29 -6.89 21.07
N ILE A 692 1.54 -5.67 20.59
CA ILE A 692 1.00 -5.18 19.33
C ILE A 692 2.01 -4.22 18.73
N ARG A 693 2.56 -4.56 17.58
CA ARG A 693 3.63 -3.77 16.98
C ARG A 693 3.00 -2.66 16.15
N SER A 694 2.80 -1.52 16.77
CA SER A 694 2.24 -0.36 16.10
C SER A 694 3.34 0.58 15.64
N SER A 695 3.14 1.17 14.47
CA SER A 695 4.12 2.08 13.90
C SER A 695 3.94 3.49 14.43
N LEU A 696 4.95 4.32 14.19
CA LEU A 696 4.88 5.71 14.62
C LEU A 696 3.85 6.50 13.86
N VAL A 697 3.53 6.10 12.62
CA VAL A 697 2.47 6.76 11.87
C VAL A 697 1.12 6.52 12.54
N ILE A 698 0.92 5.32 13.09
CA ILE A 698 -0.28 5.05 13.87
C ILE A 698 -0.26 5.85 15.16
N LEU A 699 0.92 6.03 15.74
CA LEU A 699 1.06 6.62 17.06
C LEU A 699 0.89 8.14 17.07
N GLN A 700 0.77 8.76 15.90
CA GLN A 700 0.81 10.21 15.77
C GLN A 700 -0.55 10.85 15.51
N VAL A 701 -1.57 10.06 15.15
CA VAL A 701 -2.84 10.63 14.73
C VAL A 701 -3.97 10.04 15.57
N VAL A 702 -3.62 9.18 16.52
CA VAL A 702 -4.62 8.61 17.43
C VAL A 702 -5.23 9.67 18.36
N PRO A 703 -4.46 10.49 19.08
CA PRO A 703 -5.11 11.48 19.98
C PRO A 703 -5.90 12.56 19.27
N PHE A 704 -5.62 12.83 18.00
CA PHE A 704 -6.22 13.97 17.31
C PHE A 704 -7.54 13.61 16.67
N LEU A 705 -8.01 12.38 16.87
CA LEU A 705 -9.35 11.97 16.51
C LEU A 705 -10.16 11.50 17.72
N VAL A 706 -9.50 11.02 18.77
CA VAL A 706 -10.20 10.66 19.99
C VAL A 706 -10.41 11.87 20.88
N LEU A 707 -9.49 12.83 20.84
CA LEU A 707 -9.59 14.00 21.72
C LEU A 707 -10.70 14.94 21.28
N SER A 708 -10.96 15.01 19.97
CA SER A 708 -12.04 15.86 19.48
C SER A 708 -13.42 15.38 19.91
N VAL A 709 -13.56 14.09 20.21
CA VAL A 709 -14.80 13.58 20.79
C VAL A 709 -14.73 13.53 22.32
N GLY A 710 -13.54 13.38 22.90
CA GLY A 710 -13.43 13.36 24.34
C GLY A 710 -13.52 14.70 25.04
N ALA A 711 -13.28 15.80 24.31
CA ALA A 711 -13.40 17.11 24.93
C ALA A 711 -14.82 17.67 24.90
N ASP A 712 -15.62 17.24 23.93
CA ASP A 712 -16.98 17.77 23.78
C ASP A 712 -17.86 17.35 24.95
N ASN A 713 -17.64 16.15 25.49
CA ASN A 713 -18.41 15.71 26.64
C ASN A 713 -18.07 16.52 27.89
N ILE A 714 -16.78 16.87 28.04
CA ILE A 714 -16.35 17.75 29.13
C ILE A 714 -16.98 19.12 29.00
N PHE A 715 -17.03 19.64 27.76
CA PHE A 715 -17.62 20.95 27.53
C PHE A 715 -19.12 20.94 27.83
N ILE A 716 -19.81 19.86 27.43
CA ILE A 716 -21.24 19.76 27.67
C ILE A 716 -21.54 19.63 29.16
N PHE A 717 -20.71 18.86 29.88
CA PHE A 717 -20.92 18.71 31.33
C PHE A 717 -20.67 20.02 32.07
N VAL A 718 -19.60 20.75 31.71
CA VAL A 718 -19.32 22.01 32.40
C VAL A 718 -20.37 23.06 32.05
N LEU A 719 -20.88 23.03 30.81
CA LEU A 719 -21.93 23.97 30.43
C LEU A 719 -23.23 23.66 31.17
N GLU A 720 -23.57 22.38 31.33
CA GLU A 720 -24.79 22.05 32.06
C GLU A 720 -24.63 22.30 33.56
N TYR A 721 -23.40 22.24 34.07
CA TYR A 721 -23.18 22.58 35.48
C TYR A 721 -23.27 24.07 35.71
N GLN A 722 -22.82 24.88 34.76
CA GLN A 722 -22.82 26.32 34.93
C GLN A 722 -24.06 27.00 34.34
N ARG A 723 -25.08 26.23 33.98
CA ARG A 723 -26.30 26.78 33.41
C ARG A 723 -27.53 26.30 34.18
N LEU A 724 -27.35 25.47 35.19
CA LEU A 724 -28.46 24.90 35.95
C LEU A 724 -29.17 25.98 36.76
N PRO A 725 -30.44 25.74 37.12
CA PRO A 725 -31.16 26.71 37.96
C PRO A 725 -30.57 26.93 39.35
N ARG A 726 -29.78 26.00 39.89
CA ARG A 726 -29.11 26.16 41.18
C ARG A 726 -30.11 26.34 42.32
N ARG A 727 -30.82 25.24 42.60
CA ARG A 727 -31.77 25.18 43.70
C ARG A 727 -31.08 25.46 45.04
N PRO A 728 -31.50 26.47 45.78
CA PRO A 728 -30.84 26.80 47.04
C PRO A 728 -31.23 25.84 48.16
N GLY A 729 -30.56 25.99 49.29
CA GLY A 729 -30.75 25.10 50.41
C GLY A 729 -29.94 23.83 50.36
N GLU A 730 -29.02 23.71 49.41
CA GLU A 730 -28.18 22.54 49.28
C GLU A 730 -26.83 22.96 48.72
N PRO A 731 -25.75 22.32 49.15
CA PRO A 731 -24.41 22.69 48.68
C PRO A 731 -24.13 22.12 47.30
N ARG A 732 -22.89 22.30 46.85
CA ARG A 732 -22.48 21.83 45.52
C ARG A 732 -22.38 20.31 45.44
N GLU A 733 -22.26 19.63 46.59
CA GLU A 733 -22.13 18.19 46.63
C GLU A 733 -23.36 17.47 46.08
N VAL A 734 -24.53 18.08 46.20
CA VAL A 734 -25.70 17.56 45.51
C VAL A 734 -25.98 18.32 44.23
N HIS A 735 -25.46 19.54 44.08
CA HIS A 735 -25.71 20.33 42.88
C HIS A 735 -25.04 19.72 41.66
N ILE A 736 -23.79 19.26 41.79
CA ILE A 736 -23.13 18.69 40.63
C ILE A 736 -23.72 17.33 40.28
N GLY A 737 -24.19 16.59 41.28
CA GLY A 737 -24.90 15.35 40.99
C GLY A 737 -26.22 15.58 40.28
N ARG A 738 -26.95 16.62 40.70
CA ARG A 738 -28.20 16.99 40.05
C ARG A 738 -27.97 17.44 38.62
N ALA A 739 -26.88 18.18 38.38
CA ALA A 739 -26.54 18.57 37.02
C ALA A 739 -26.13 17.36 36.19
N LEU A 740 -25.36 16.45 36.77
CA LEU A 740 -24.83 15.31 36.02
C LEU A 740 -25.90 14.27 35.72
N GLY A 741 -26.99 14.24 36.50
CA GLY A 741 -27.99 13.21 36.32
C GLY A 741 -28.73 13.28 34.99
N ARG A 742 -29.04 14.48 34.53
CA ARG A 742 -29.77 14.64 33.28
C ARG A 742 -28.86 14.86 32.08
N VAL A 743 -27.55 14.82 32.27
CA VAL A 743 -26.60 14.93 31.16
C VAL A 743 -25.76 13.68 30.99
N ALA A 744 -25.74 12.78 31.99
CA ALA A 744 -24.97 11.55 31.89
C ALA A 744 -25.41 10.59 30.80
N PRO A 745 -26.71 10.28 30.61
CA PRO A 745 -27.06 9.34 29.53
C PRO A 745 -26.82 9.86 28.13
N SER A 746 -27.11 11.15 27.89
CA SER A 746 -26.83 11.72 26.57
C SER A 746 -25.33 11.81 26.34
N MET A 747 -24.55 12.04 27.40
CA MET A 747 -23.10 12.02 27.30
C MET A 747 -22.55 10.59 27.23
N LEU A 748 -23.36 9.59 27.57
CA LEU A 748 -23.01 8.19 27.46
C LEU A 748 -23.29 7.63 26.08
N LEU A 749 -24.32 8.14 25.40
CA LEU A 749 -24.61 7.68 24.05
C LEU A 749 -23.51 8.07 23.08
N CYS A 750 -23.01 9.29 23.19
CA CYS A 750 -22.10 9.81 22.17
C CYS A 750 -20.68 9.29 22.37
N SER A 751 -20.38 8.76 23.55
CA SER A 751 -19.09 8.11 23.78
C SER A 751 -19.21 6.60 23.82
N LEU A 752 -20.40 6.04 23.61
CA LEU A 752 -20.59 4.61 23.43
C LEU A 752 -21.01 4.25 22.03
N SER A 753 -21.51 5.22 21.26
CA SER A 753 -21.74 5.04 19.83
C SER A 753 -20.53 5.46 19.00
N GLU A 754 -19.36 5.54 19.61
CA GLU A 754 -18.10 5.69 18.91
C GLU A 754 -17.13 4.57 19.21
N ALA A 755 -17.13 4.08 20.47
CA ALA A 755 -16.36 2.89 20.79
C ALA A 755 -16.87 1.68 20.03
N ILE A 756 -18.20 1.56 19.88
CA ILE A 756 -18.79 0.48 19.11
C ILE A 756 -18.42 0.61 17.65
N CYS A 757 -18.45 1.82 17.10
CA CYS A 757 -18.12 2.04 15.70
C CYS A 757 -16.65 1.74 15.42
N PHE A 758 -15.76 2.17 16.31
CA PHE A 758 -14.33 1.93 16.10
C PHE A 758 -14.00 0.45 16.28
N PHE A 759 -14.62 -0.22 17.24
CA PHE A 759 -14.36 -1.65 17.42
C PHE A 759 -14.93 -2.46 16.27
N LEU A 760 -16.11 -2.09 15.77
CA LEU A 760 -16.68 -2.75 14.61
C LEU A 760 -15.90 -2.46 13.34
N GLY A 761 -15.19 -1.32 13.29
CA GLY A 761 -14.37 -0.99 12.15
C GLY A 761 -12.99 -1.60 12.16
N ALA A 762 -12.68 -2.43 13.16
CA ALA A 762 -11.38 -3.06 13.26
C ALA A 762 -11.34 -4.44 12.60
N LEU A 763 -12.28 -4.72 11.70
CA LEU A 763 -12.28 -5.94 10.93
C LEU A 763 -11.58 -5.81 9.59
N THR A 764 -10.95 -4.66 9.32
CA THR A 764 -10.31 -4.44 8.05
C THR A 764 -9.09 -5.34 7.90
N PRO A 765 -8.72 -5.71 6.67
CA PRO A 765 -7.60 -6.63 6.48
C PRO A 765 -6.26 -6.03 6.82
N MET A 766 -6.11 -4.72 6.71
CA MET A 766 -4.82 -4.08 6.95
C MET A 766 -4.45 -4.12 8.42
N PRO A 767 -3.23 -4.50 8.77
CA PRO A 767 -2.87 -4.58 10.19
C PRO A 767 -2.75 -3.24 10.86
N ALA A 768 -2.22 -2.23 10.18
CA ALA A 768 -1.99 -0.95 10.83
C ALA A 768 -3.30 -0.19 11.03
N VAL A 769 -4.21 -0.28 10.07
CA VAL A 769 -5.54 0.32 10.24
C VAL A 769 -6.30 -0.39 11.35
N ARG A 770 -6.11 -1.70 11.47
CA ARG A 770 -6.72 -2.45 12.57
C ARG A 770 -6.15 -2.02 13.91
N THR A 771 -4.84 -1.77 13.98
CA THR A 771 -4.23 -1.31 15.21
C THR A 771 -4.70 0.10 15.56
N PHE A 772 -4.85 0.97 14.56
CA PHE A 772 -5.36 2.31 14.81
C PHE A 772 -6.80 2.29 15.28
N ALA A 773 -7.62 1.40 14.72
CA ALA A 773 -9.00 1.28 15.16
C ALA A 773 -9.09 0.72 16.57
N LEU A 774 -8.26 -0.27 16.89
CA LEU A 774 -8.30 -0.86 18.22
C LEU A 774 -7.76 0.10 19.27
N THR A 775 -6.78 0.93 18.91
CA THR A 775 -6.24 1.88 19.88
C THR A 775 -7.23 2.98 20.20
N SER A 776 -7.91 3.52 19.20
CA SER A 776 -8.91 4.55 19.42
C SER A 776 -10.24 4.00 19.85
N GLY A 777 -10.49 2.70 19.67
CA GLY A 777 -11.69 2.11 20.23
C GLY A 777 -11.63 1.94 21.72
N LEU A 778 -10.43 1.88 22.30
CA LEU A 778 -10.26 1.78 23.73
C LEU A 778 -9.88 3.12 24.37
N ALA A 779 -9.41 4.09 23.58
CA ALA A 779 -9.12 5.39 24.14
C ALA A 779 -10.38 6.11 24.55
N VAL A 780 -11.41 6.08 23.71
CA VAL A 780 -12.66 6.77 24.03
C VAL A 780 -13.39 6.04 25.16
N ILE A 781 -13.37 4.71 25.15
CA ILE A 781 -14.05 3.95 26.20
C ILE A 781 -13.30 4.06 27.52
N LEU A 782 -11.99 4.32 27.46
CA LEU A 782 -11.21 4.64 28.64
C LEU A 782 -11.16 6.15 28.90
N ASP A 783 -11.90 6.93 28.12
CA ASP A 783 -12.10 8.35 28.36
C ASP A 783 -13.40 8.60 29.12
N PHE A 784 -14.47 7.90 28.74
CA PHE A 784 -15.75 8.06 29.41
C PHE A 784 -15.69 7.52 30.84
N LEU A 785 -14.91 6.46 31.06
CA LEU A 785 -14.73 5.92 32.41
C LEU A 785 -13.82 6.77 33.26
N LEU A 786 -13.07 7.70 32.67
CA LEU A 786 -12.09 8.46 33.41
C LEU A 786 -12.40 9.95 33.42
N GLN A 787 -13.48 10.37 32.78
CA GLN A 787 -13.97 11.74 32.91
C GLN A 787 -15.23 11.83 33.75
N MET A 788 -15.56 10.78 34.51
CA MET A 788 -16.48 10.92 35.63
C MET A 788 -15.87 10.46 36.94
N SER A 789 -14.94 9.52 36.92
CA SER A 789 -14.26 9.09 38.14
C SER A 789 -13.11 10.00 38.50
N ALA A 790 -12.71 10.90 37.61
CA ALA A 790 -11.66 11.85 37.88
C ALA A 790 -12.10 13.29 37.66
N PHE A 791 -12.89 13.56 36.63
CA PHE A 791 -13.23 14.94 36.32
C PHE A 791 -14.25 15.51 37.29
N VAL A 792 -15.17 14.68 37.79
CA VAL A 792 -16.17 15.14 38.75
C VAL A 792 -15.50 15.50 40.07
N ALA A 793 -14.45 14.77 40.43
CA ALA A 793 -13.69 15.07 41.65
C ALA A 793 -13.00 16.42 41.55
N LEU A 794 -12.42 16.73 40.39
CA LEU A 794 -11.81 18.04 40.20
C LEU A 794 -12.87 19.14 40.17
N LEU A 795 -14.03 18.84 39.58
CA LEU A 795 -15.09 19.84 39.49
C LEU A 795 -15.69 20.15 40.86
N SER A 796 -15.63 19.20 41.77
CA SER A 796 -16.00 19.52 43.15
C SER A 796 -14.83 20.11 43.92
N LEU A 797 -13.61 19.83 43.49
CA LEU A 797 -12.40 20.29 44.17
C LEU A 797 -12.04 21.72 43.82
N ASP A 798 -12.68 22.32 42.81
CA ASP A 798 -12.33 23.70 42.46
C ASP A 798 -12.82 24.73 43.48
N SER A 799 -13.70 24.35 44.41
CA SER A 799 -14.28 25.31 45.36
C SER A 799 -13.23 25.89 46.30
N LYS A 800 -12.29 25.07 46.75
CA LYS A 800 -11.25 25.56 47.65
C LYS A 800 -10.14 26.25 46.87
N LEU A 827 -20.15 35.66 26.72
CA LEU A 827 -21.47 35.11 26.45
C LEU A 827 -21.77 35.22 24.96
N LEU A 828 -22.88 35.89 24.63
CA LEU A 828 -23.32 36.28 23.29
C LEU A 828 -23.89 35.13 22.45
N LEU A 829 -23.78 33.88 22.91
CA LEU A 829 -24.33 32.76 22.16
C LEU A 829 -25.85 32.81 22.16
N GLY A 830 -26.44 32.95 23.34
CA GLY A 830 -27.88 33.14 23.45
C GLY A 830 -28.35 34.51 23.02
N PHE A 831 -27.44 35.45 22.82
CA PHE A 831 -27.81 36.72 22.20
C PHE A 831 -28.33 36.52 20.79
N PHE A 832 -27.50 35.98 19.89
CA PHE A 832 -27.95 35.85 18.52
C PHE A 832 -28.48 34.47 18.16
N GLN A 833 -28.61 33.53 19.11
CA GLN A 833 -29.42 32.35 18.79
C GLN A 833 -30.88 32.73 18.63
N LYS A 834 -31.35 33.70 19.42
CA LYS A 834 -32.73 34.19 19.29
C LYS A 834 -32.94 35.08 18.08
N ALA A 835 -31.88 35.46 17.37
CA ALA A 835 -32.00 36.12 16.07
C ALA A 835 -31.77 35.18 14.91
N TYR A 836 -30.96 34.14 15.11
CA TYR A 836 -30.82 33.07 14.11
C TYR A 836 -32.10 32.25 14.01
N ALA A 837 -32.84 32.14 15.11
CA ALA A 837 -34.13 31.46 15.08
C ALA A 837 -35.14 32.09 14.14
N PRO A 838 -35.36 33.40 14.11
CA PRO A 838 -36.28 33.97 13.10
C PRO A 838 -35.80 33.83 11.66
N PHE A 839 -34.49 33.65 11.43
CA PHE A 839 -34.03 33.31 10.09
C PHE A 839 -34.56 31.95 9.65
N LEU A 840 -34.69 31.03 10.60
CA LEU A 840 -35.34 29.74 10.39
C LEU A 840 -36.78 29.80 10.87
N LEU A 841 -37.42 28.62 10.92
CA LEU A 841 -38.74 28.40 11.51
C LEU A 841 -39.85 29.19 10.83
N HIS A 842 -39.69 29.57 9.57
CA HIS A 842 -40.67 30.35 8.84
C HIS A 842 -40.77 29.79 7.42
N TRP A 843 -41.95 29.94 6.81
CA TRP A 843 -42.23 29.25 5.55
C TRP A 843 -41.40 29.76 4.37
N ILE A 844 -40.85 30.97 4.47
CA ILE A 844 -39.76 31.34 3.56
C ILE A 844 -38.56 30.43 3.77
N THR A 845 -38.25 30.13 5.04
CA THR A 845 -37.03 29.39 5.34
C THR A 845 -37.28 27.89 5.40
N ARG A 846 -38.41 27.47 5.97
CA ARG A 846 -38.65 26.04 6.17
C ARG A 846 -39.08 25.32 4.91
N GLY A 847 -39.29 26.02 3.80
CA GLY A 847 -39.71 25.38 2.57
C GLY A 847 -38.63 25.39 1.51
N VAL A 848 -37.52 26.08 1.76
CA VAL A 848 -36.43 26.13 0.80
C VAL A 848 -35.28 25.28 1.31
N VAL A 849 -35.14 25.19 2.63
CA VAL A 849 -34.05 24.42 3.21
C VAL A 849 -34.25 22.93 2.97
N LEU A 850 -35.51 22.48 2.94
CA LEU A 850 -35.79 21.07 2.75
C LEU A 850 -35.44 20.61 1.33
N LEU A 851 -36.00 21.29 0.33
CA LEU A 851 -35.78 20.85 -1.04
C LEU A 851 -34.36 21.11 -1.51
N LEU A 852 -33.67 22.12 -0.95
CA LEU A 852 -32.28 22.35 -1.30
C LEU A 852 -31.39 21.22 -0.82
N PHE A 853 -31.59 20.77 0.42
CA PHE A 853 -30.81 19.64 0.91
C PHE A 853 -31.20 18.34 0.20
N LEU A 854 -32.47 18.21 -0.20
CA LEU A 854 -32.85 17.04 -0.97
C LEU A 854 -32.22 17.05 -2.36
N ALA A 855 -32.05 18.22 -2.96
CA ALA A 855 -31.32 18.31 -4.22
C ALA A 855 -29.85 18.00 -4.01
N LEU A 856 -29.29 18.37 -2.85
CA LEU A 856 -27.92 18.00 -2.53
C LEU A 856 -27.77 16.49 -2.42
N PHE A 857 -28.76 15.83 -1.80
CA PHE A 857 -28.81 14.38 -1.73
C PHE A 857 -28.91 13.77 -3.14
N GLY A 858 -29.75 14.35 -3.99
CA GLY A 858 -29.94 13.85 -5.33
C GLY A 858 -28.73 14.03 -6.23
N VAL A 859 -27.91 15.05 -5.98
CA VAL A 859 -26.68 15.17 -6.76
C VAL A 859 -25.59 14.26 -6.19
N SER A 860 -25.57 14.07 -4.86
CA SER A 860 -24.51 13.26 -4.27
C SER A 860 -24.70 11.78 -4.57
N LEU A 861 -25.95 11.30 -4.59
CA LEU A 861 -26.16 9.87 -4.82
C LEU A 861 -25.92 9.47 -6.26
N TYR A 862 -25.89 10.41 -7.20
CA TYR A 862 -25.48 10.13 -8.57
C TYR A 862 -24.04 10.50 -8.84
N SER A 863 -23.42 11.33 -8.00
CA SER A 863 -21.97 11.55 -8.11
C SER A 863 -21.16 10.50 -7.37
N MET A 864 -21.82 9.66 -6.54
CA MET A 864 -21.11 8.57 -5.88
C MET A 864 -20.57 7.55 -6.87
N CYS A 865 -21.24 7.36 -8.00
CA CYS A 865 -20.82 6.34 -8.97
C CYS A 865 -19.54 6.69 -9.70
N HIS A 866 -19.09 7.95 -9.66
CA HIS A 866 -17.84 8.33 -10.29
C HIS A 866 -16.63 8.11 -9.39
N ILE A 867 -16.82 7.53 -8.20
CA ILE A 867 -15.73 7.37 -7.24
C ILE A 867 -14.73 6.34 -7.78
N SER A 868 -13.48 6.51 -7.38
CA SER A 868 -12.38 5.67 -7.84
C SER A 868 -11.77 4.97 -6.64
N VAL A 869 -11.78 3.64 -6.66
CA VAL A 869 -11.26 2.85 -5.56
C VAL A 869 -9.79 2.53 -5.82
N GLY A 870 -8.96 2.70 -4.81
CA GLY A 870 -7.55 2.41 -4.94
C GLY A 870 -6.66 3.50 -4.37
N LEU A 871 -5.57 3.10 -3.74
CA LEU A 871 -4.61 4.02 -3.14
C LEU A 871 -3.36 4.06 -3.99
N ASP A 872 -3.03 5.22 -4.52
CA ASP A 872 -1.87 5.34 -5.39
C ASP A 872 -0.58 5.19 -4.60
N GLN A 873 0.47 4.77 -5.29
CA GLN A 873 1.75 4.53 -4.63
C GLN A 873 2.46 5.84 -4.29
N GLU A 874 2.19 6.90 -5.04
CA GLU A 874 2.90 8.16 -4.87
C GLU A 874 2.32 9.04 -3.77
N LEU A 875 1.23 8.63 -3.13
CA LEU A 875 0.63 9.44 -2.07
C LEU A 875 1.26 9.22 -0.72
N ALA A 876 2.19 8.29 -0.59
CA ALA A 876 2.87 8.06 0.68
C ALA A 876 4.02 9.03 0.91
N LEU A 877 4.44 9.74 -0.12
CA LEU A 877 5.62 10.58 -0.09
C LEU A 877 5.24 12.05 0.08
N PRO A 878 6.20 12.89 0.43
CA PRO A 878 5.95 14.34 0.46
C PRO A 878 5.88 14.93 -0.93
N LYS A 879 5.80 16.26 -1.01
CA LYS A 879 5.78 16.92 -2.31
C LYS A 879 7.18 17.21 -2.84
N ASP A 880 8.23 16.76 -2.14
CA ASP A 880 9.59 17.18 -2.49
C ASP A 880 10.61 16.06 -2.52
N SER A 881 10.20 14.79 -2.47
CA SER A 881 11.16 13.69 -2.45
C SER A 881 11.60 13.33 -3.86
N TYR A 882 12.75 12.67 -3.95
CA TYR A 882 13.28 12.25 -5.24
C TYR A 882 12.51 11.06 -5.81
N LEU A 883 11.75 10.34 -4.99
CA LEU A 883 10.96 9.22 -5.50
C LEU A 883 9.82 9.69 -6.40
N LEU A 884 9.35 10.93 -6.22
CA LEU A 884 8.35 11.46 -7.15
C LEU A 884 8.94 11.64 -8.54
N ASP A 885 10.18 12.12 -8.62
CA ASP A 885 10.86 12.21 -9.91
C ASP A 885 11.11 10.83 -10.50
N TYR A 886 11.47 9.87 -9.65
CA TYR A 886 11.67 8.50 -10.12
C TYR A 886 10.39 7.88 -10.64
N PHE A 887 9.27 8.10 -9.97
CA PHE A 887 8.01 7.54 -10.44
C PHE A 887 7.51 8.25 -11.70
N LEU A 888 7.79 9.54 -11.82
CA LEU A 888 7.42 10.26 -13.04
C LEU A 888 8.22 9.77 -14.24
N PHE A 889 9.48 9.40 -14.05
CA PHE A 889 10.18 8.77 -15.17
C PHE A 889 9.79 7.31 -15.37
N LEU A 890 9.46 6.60 -14.29
CA LEU A 890 9.12 5.19 -14.42
C LEU A 890 7.80 4.99 -15.16
N ASN A 891 6.81 5.85 -14.90
CA ASN A 891 5.54 5.72 -15.58
C ASN A 891 5.62 6.15 -17.04
N ARG A 892 6.63 6.91 -17.43
CA ARG A 892 6.68 7.48 -18.77
C ARG A 892 7.74 6.88 -19.67
N TYR A 893 8.77 6.25 -19.13
CA TYR A 893 9.89 5.80 -19.96
C TYR A 893 10.09 4.29 -19.99
N PHE A 894 9.61 3.55 -18.99
CA PHE A 894 9.71 2.10 -19.06
C PHE A 894 8.78 1.54 -20.14
N GLU A 895 9.06 0.31 -20.53
CA GLU A 895 8.23 -0.39 -21.51
C GLU A 895 7.77 -1.75 -21.04
N VAL A 896 8.22 -2.22 -19.88
CA VAL A 896 7.72 -3.45 -19.28
C VAL A 896 7.58 -3.22 -17.78
N GLY A 897 6.46 -3.68 -17.24
CA GLY A 897 6.20 -3.53 -15.82
C GLY A 897 6.97 -4.53 -14.99
N ALA A 898 6.44 -4.82 -13.81
CA ALA A 898 7.07 -5.77 -12.93
C ALA A 898 6.93 -7.19 -13.50
N PRO A 899 7.92 -8.05 -13.29
CA PRO A 899 7.78 -9.44 -13.72
C PRO A 899 6.79 -10.19 -12.85
N VAL A 900 6.18 -11.21 -13.43
CA VAL A 900 5.25 -12.09 -12.72
C VAL A 900 5.63 -13.52 -13.02
N TYR A 901 5.34 -14.41 -12.09
CA TYR A 901 5.66 -15.82 -12.20
C TYR A 901 4.39 -16.64 -12.08
N PHE A 902 4.24 -17.63 -12.95
CA PHE A 902 3.13 -18.57 -12.88
C PHE A 902 3.63 -19.81 -12.15
N VAL A 903 3.55 -19.78 -10.82
CA VAL A 903 4.06 -20.87 -10.01
C VAL A 903 3.18 -22.11 -10.19
N THR A 904 3.81 -23.28 -10.16
CA THR A 904 3.11 -24.55 -10.23
C THR A 904 3.20 -25.24 -8.88
N THR A 905 2.04 -25.53 -8.29
CA THR A 905 1.95 -26.14 -6.98
C THR A 905 2.31 -27.63 -7.12
N LEU A 906 2.50 -28.32 -5.99
CA LEU A 906 2.92 -29.72 -5.98
C LEU A 906 1.88 -30.63 -6.61
N GLY A 907 2.34 -31.60 -7.39
CA GLY A 907 1.44 -32.61 -7.90
C GLY A 907 1.62 -33.04 -9.35
N TYR A 908 2.05 -32.13 -10.22
CA TYR A 908 2.15 -32.43 -11.65
C TYR A 908 3.26 -33.42 -11.91
N ASN A 909 3.04 -34.33 -12.86
CA ASN A 909 4.01 -35.37 -13.14
C ASN A 909 5.26 -34.81 -13.82
N PHE A 910 5.08 -34.05 -14.91
CA PHE A 910 6.15 -33.43 -15.69
C PHE A 910 7.07 -34.44 -16.38
N SER A 911 6.66 -35.69 -16.52
CA SER A 911 7.55 -36.71 -17.05
C SER A 911 6.98 -37.49 -18.21
N SER A 912 5.66 -37.70 -18.23
CA SER A 912 5.04 -38.48 -19.29
C SER A 912 5.07 -37.71 -20.60
N GLU A 913 5.05 -38.45 -21.71
CA GLU A 913 4.96 -37.81 -23.02
C GLU A 913 3.64 -37.07 -23.21
N ALA A 914 2.57 -37.55 -22.58
CA ALA A 914 1.31 -36.83 -22.56
C ALA A 914 1.23 -35.80 -21.44
N GLY A 915 2.27 -35.68 -20.62
CA GLY A 915 2.28 -34.71 -19.56
C GLY A 915 3.00 -33.42 -19.93
N MET A 916 4.08 -33.55 -20.70
CA MET A 916 4.83 -32.37 -21.10
C MET A 916 4.10 -31.58 -22.19
N ASN A 917 3.30 -32.27 -23.01
CA ASN A 917 2.68 -31.63 -24.15
C ASN A 917 1.62 -30.61 -23.76
N ALA A 918 1.03 -30.73 -22.58
CA ALA A 918 0.09 -29.71 -22.15
C ALA A 918 0.78 -28.44 -21.69
N ILE A 919 2.08 -28.51 -21.39
CA ILE A 919 2.85 -27.34 -20.97
C ILE A 919 3.86 -26.91 -22.02
N CYS A 920 3.94 -27.63 -23.13
CA CYS A 920 4.79 -27.35 -24.28
C CYS A 920 4.22 -26.23 -25.15
N SER A 921 5.03 -25.82 -26.14
CA SER A 921 4.60 -24.84 -27.13
C SER A 921 5.07 -25.11 -28.55
N SER A 922 5.74 -26.22 -28.84
CA SER A 922 6.32 -26.37 -30.17
C SER A 922 6.64 -27.83 -30.46
N ALA A 923 6.70 -28.14 -31.76
CA ALA A 923 7.18 -29.43 -32.26
C ALA A 923 6.27 -30.59 -31.83
N GLY A 924 5.02 -30.53 -32.28
CA GLY A 924 4.09 -31.63 -32.14
C GLY A 924 3.18 -31.56 -30.95
N CYS A 925 3.53 -30.77 -29.93
CA CYS A 925 2.68 -30.59 -28.78
C CYS A 925 1.44 -29.77 -29.14
N ASN A 926 0.51 -29.70 -28.18
CA ASN A 926 -0.92 -29.49 -28.47
C ASN A 926 -1.21 -28.11 -29.04
N ASN A 927 -2.44 -27.97 -29.56
CA ASN A 927 -2.90 -26.71 -30.15
C ASN A 927 -2.95 -25.61 -29.11
N PHE A 928 -3.63 -25.86 -28.01
CA PHE A 928 -3.72 -24.94 -26.90
C PHE A 928 -2.95 -25.50 -25.71
N SER A 929 -2.16 -24.65 -25.07
CA SER A 929 -1.32 -25.09 -23.98
C SER A 929 -0.99 -23.87 -23.13
N PHE A 930 -0.36 -24.14 -21.98
CA PHE A 930 -0.07 -23.12 -20.97
C PHE A 930 0.87 -22.04 -21.50
N THR A 931 2.02 -22.44 -22.04
CA THR A 931 2.92 -21.46 -22.63
C THR A 931 2.47 -20.99 -24.01
N GLN A 932 1.46 -21.62 -24.59
CA GLN A 932 0.75 -21.06 -25.73
C GLN A 932 -0.36 -20.13 -25.30
N LYS A 933 -1.02 -20.42 -24.17
CA LYS A 933 -2.05 -19.55 -23.62
C LYS A 933 -1.48 -18.20 -23.23
N ILE A 934 -0.28 -18.19 -22.61
CA ILE A 934 0.33 -16.93 -22.21
C ILE A 934 0.74 -16.10 -23.42
N GLN A 935 1.27 -16.77 -24.46
CA GLN A 935 1.66 -16.05 -25.66
C GLN A 935 0.44 -15.52 -26.40
N TYR A 936 -0.67 -16.26 -26.38
CA TYR A 936 -1.89 -15.74 -27.00
C TYR A 936 -2.44 -14.56 -26.21
N ALA A 937 -2.35 -14.60 -24.89
CA ALA A 937 -2.80 -13.47 -24.08
C ALA A 937 -1.89 -12.27 -24.20
N THR A 938 -0.65 -12.47 -24.63
CA THR A 938 0.25 -11.34 -24.85
C THR A 938 -0.22 -10.44 -26.00
N GLU A 939 -0.90 -11.01 -26.99
CA GLU A 939 -1.24 -10.26 -28.19
C GLU A 939 -2.37 -9.26 -28.00
N PHE A 940 -3.06 -9.28 -26.87
CA PHE A 940 -4.08 -8.27 -26.55
C PHE A 940 -3.74 -7.66 -25.20
N PRO A 941 -2.71 -6.81 -25.16
CA PRO A 941 -2.27 -6.24 -23.88
C PRO A 941 -3.26 -5.30 -23.24
N GLU A 942 -4.20 -4.73 -23.99
CA GLU A 942 -5.19 -3.84 -23.39
C GLU A 942 -6.15 -4.59 -22.49
N GLN A 943 -6.50 -5.83 -22.86
CA GLN A 943 -7.41 -6.62 -22.05
C GLN A 943 -6.65 -7.48 -21.04
N SER A 944 -5.77 -8.34 -21.53
CA SER A 944 -4.87 -9.09 -20.67
C SER A 944 -3.62 -8.26 -20.39
N TYR A 945 -3.26 -8.12 -19.12
CA TYR A 945 -2.17 -7.24 -18.72
C TYR A 945 -0.85 -8.01 -18.72
N LEU A 946 -0.45 -8.45 -19.92
CA LEU A 946 0.86 -9.05 -20.13
C LEU A 946 1.49 -8.45 -21.38
N ALA A 947 2.82 -8.41 -21.41
CA ALA A 947 3.52 -7.81 -22.53
C ALA A 947 4.74 -8.60 -23.00
N ILE A 948 5.02 -9.76 -22.40
CA ILE A 948 6.15 -10.59 -22.82
C ILE A 948 5.71 -12.05 -22.74
N PRO A 949 6.13 -12.91 -23.66
CA PRO A 949 5.79 -14.33 -23.58
C PRO A 949 6.42 -15.02 -22.38
N ALA A 950 6.03 -16.28 -22.19
CA ALA A 950 6.27 -16.96 -20.92
C ALA A 950 7.74 -17.36 -20.75
N SER A 951 8.38 -17.84 -21.82
CA SER A 951 9.74 -18.39 -21.76
C SER A 951 9.82 -19.59 -20.81
N SER A 952 9.10 -20.65 -21.18
CA SER A 952 9.06 -21.87 -20.39
C SER A 952 10.40 -22.60 -20.43
N TRP A 953 10.61 -23.49 -19.47
CA TRP A 953 11.83 -24.27 -19.44
C TRP A 953 11.72 -25.61 -20.13
N VAL A 954 10.52 -26.19 -20.21
CA VAL A 954 10.35 -27.44 -20.95
C VAL A 954 10.55 -27.21 -22.44
N ASP A 955 10.14 -26.03 -22.93
CA ASP A 955 10.38 -25.68 -24.32
C ASP A 955 11.86 -25.55 -24.61
N ASP A 956 12.62 -24.98 -23.68
CA ASP A 956 14.06 -24.91 -23.85
C ASP A 956 14.73 -26.24 -23.58
N PHE A 957 14.15 -27.07 -22.71
CA PHE A 957 14.77 -28.35 -22.38
C PHE A 957 14.62 -29.33 -23.53
N ILE A 958 13.49 -29.30 -24.23
CA ILE A 958 13.34 -30.13 -25.43
C ILE A 958 14.28 -29.66 -26.53
N ASP A 959 14.51 -28.36 -26.62
CA ASP A 959 15.48 -27.86 -27.59
C ASP A 959 16.89 -28.29 -27.23
N TRP A 960 17.21 -28.32 -25.93
CA TRP A 960 18.55 -28.72 -25.51
C TRP A 960 18.79 -30.20 -25.74
N LEU A 961 17.73 -31.02 -25.76
CA LEU A 961 17.88 -32.45 -25.99
C LEU A 961 18.03 -32.80 -27.47
N THR A 962 17.90 -31.83 -28.36
CA THR A 962 18.19 -32.05 -29.75
C THR A 962 19.68 -32.37 -29.93
N PRO A 963 20.02 -33.25 -30.87
CA PRO A 963 21.43 -33.65 -31.06
C PRO A 963 22.35 -32.55 -31.60
N SER A 964 23.55 -32.96 -32.02
CA SER A 964 24.60 -32.09 -32.53
C SER A 964 25.19 -31.17 -31.47
N SER A 965 25.88 -31.77 -30.50
CA SER A 965 26.85 -31.08 -29.65
C SER A 965 26.18 -30.18 -28.62
N CYS A 966 25.11 -30.67 -28.00
CA CYS A 966 24.59 -30.07 -26.78
C CYS A 966 24.61 -31.05 -25.62
N CYS A 967 24.04 -32.23 -25.79
CA CYS A 967 23.98 -33.27 -24.77
C CYS A 967 24.71 -34.50 -25.31
N ARG A 968 25.89 -34.77 -24.76
CA ARG A 968 26.74 -35.84 -25.29
C ARG A 968 27.31 -36.68 -24.16
N LEU A 969 27.62 -37.92 -24.48
CA LEU A 969 28.10 -38.90 -23.52
C LEU A 969 29.45 -39.44 -23.96
N TYR A 970 30.35 -39.66 -23.01
CA TYR A 970 31.60 -40.36 -23.30
C TYR A 970 31.29 -41.81 -23.65
N ILE A 971 32.01 -42.34 -24.63
CA ILE A 971 31.83 -43.71 -25.06
C ILE A 971 32.90 -44.63 -24.50
N SER A 972 34.17 -44.22 -24.59
CA SER A 972 35.29 -45.04 -24.15
C SER A 972 35.98 -44.47 -22.91
N GLY A 973 35.32 -43.56 -22.20
CA GLY A 973 35.87 -42.98 -21.00
C GLY A 973 35.36 -43.67 -19.76
N PRO A 974 36.19 -44.54 -19.18
CA PRO A 974 35.78 -45.23 -17.94
C PRO A 974 35.63 -44.29 -16.76
N ASN A 975 36.39 -43.20 -16.73
CA ASN A 975 36.36 -42.30 -15.59
C ASN A 975 35.24 -41.28 -15.67
N LYS A 976 34.79 -40.95 -16.89
CA LYS A 976 33.78 -39.93 -17.12
C LYS A 976 32.74 -40.43 -18.10
N ASP A 977 32.19 -41.62 -17.84
CA ASP A 977 31.35 -42.33 -18.81
C ASP A 977 29.99 -41.65 -19.04
N LYS A 978 29.58 -40.69 -18.21
CA LYS A 978 28.24 -40.13 -18.34
C LYS A 978 28.18 -38.87 -19.20
N PHE A 979 28.86 -37.80 -18.81
CA PHE A 979 28.62 -36.49 -19.39
C PHE A 979 29.84 -35.95 -20.10
N CYS A 980 29.61 -35.38 -21.28
CA CYS A 980 30.61 -34.62 -22.02
C CYS A 980 30.12 -33.18 -22.11
N PRO A 981 30.70 -32.24 -21.36
CA PRO A 981 30.26 -30.85 -21.42
C PRO A 981 30.59 -30.22 -22.77
N SER A 982 29.95 -29.09 -23.04
CA SER A 982 30.07 -28.46 -24.35
C SER A 982 31.46 -27.86 -24.56
N THR A 983 32.10 -27.37 -23.49
CA THR A 983 33.36 -26.69 -23.65
C THR A 983 34.50 -27.65 -24.00
N VAL A 984 34.40 -28.90 -23.59
CA VAL A 984 35.44 -29.88 -23.89
C VAL A 984 35.20 -30.47 -25.27
N ASN A 985 36.25 -30.51 -26.07
CA ASN A 985 36.17 -31.10 -27.40
C ASN A 985 37.31 -32.09 -27.58
N SER A 986 37.03 -33.18 -28.30
CA SER A 986 37.99 -34.23 -28.55
C SER A 986 37.34 -35.22 -29.50
N LEU A 987 38.09 -36.26 -29.86
CA LEU A 987 37.57 -37.37 -30.63
C LEU A 987 37.06 -38.50 -29.75
N ASN A 988 36.82 -38.22 -28.46
CA ASN A 988 36.35 -39.24 -27.54
C ASN A 988 34.83 -39.25 -27.44
N CYS A 989 34.23 -38.14 -27.00
CA CYS A 989 32.79 -38.11 -26.80
C CYS A 989 32.10 -37.84 -28.14
N LEU A 990 31.24 -38.77 -28.55
CA LEU A 990 30.52 -38.64 -29.82
C LEU A 990 29.04 -39.03 -29.75
N LYS A 991 28.60 -39.73 -28.72
CA LYS A 991 27.22 -40.18 -28.66
C LYS A 991 26.33 -39.09 -28.08
N ASN A 992 25.12 -38.99 -28.61
CA ASN A 992 24.15 -37.98 -28.18
C ASN A 992 23.20 -38.57 -27.15
N CYS A 993 22.57 -37.68 -26.38
CA CYS A 993 21.61 -38.12 -25.38
C CYS A 993 20.36 -38.69 -26.04
N MET A 994 19.66 -37.89 -26.83
CA MET A 994 18.59 -38.41 -27.66
C MET A 994 19.19 -39.26 -28.77
N SER A 995 18.67 -40.47 -28.94
CA SER A 995 19.30 -41.49 -29.77
C SER A 995 19.37 -41.15 -31.25
N ILE A 996 18.21 -41.07 -31.91
CA ILE A 996 18.12 -40.91 -33.35
C ILE A 996 17.07 -39.83 -33.61
N THR A 997 17.21 -39.15 -34.74
CA THR A 997 16.21 -38.18 -35.16
C THR A 997 14.87 -38.86 -35.41
N MET A 998 13.79 -38.13 -35.11
CA MET A 998 12.44 -38.63 -35.25
C MET A 998 11.51 -37.45 -35.04
N GLY A 999 10.28 -37.58 -35.52
CA GLY A 999 9.33 -36.49 -35.43
C GLY A 999 8.89 -36.15 -34.03
N SER A 1000 9.22 -34.94 -33.56
CA SER A 1000 8.85 -34.44 -32.24
C SER A 1000 9.44 -35.31 -31.13
N VAL A 1001 10.78 -35.25 -31.04
CA VAL A 1001 11.50 -36.03 -30.04
C VAL A 1001 11.16 -35.52 -28.64
N ARG A 1002 10.98 -36.46 -27.71
CA ARG A 1002 10.67 -36.15 -26.34
C ARG A 1002 11.24 -37.28 -25.48
N PRO A 1003 11.86 -36.96 -24.35
CA PRO A 1003 12.59 -37.98 -23.60
C PRO A 1003 11.66 -38.97 -22.91
N SER A 1004 12.20 -40.16 -22.65
CA SER A 1004 11.49 -41.12 -21.82
C SER A 1004 11.62 -40.72 -20.36
N VAL A 1005 10.99 -41.50 -19.48
CA VAL A 1005 10.97 -41.17 -18.06
C VAL A 1005 12.36 -41.34 -17.45
N GLU A 1006 13.02 -42.46 -17.76
CA GLU A 1006 14.35 -42.72 -17.21
C GLU A 1006 15.38 -41.75 -17.75
N GLN A 1007 15.16 -41.22 -18.95
CA GLN A 1007 16.03 -40.20 -19.50
C GLN A 1007 15.73 -38.81 -18.96
N PHE A 1008 14.68 -38.65 -18.15
CA PHE A 1008 14.39 -37.34 -17.61
C PHE A 1008 15.27 -37.02 -16.41
N HIS A 1009 15.27 -37.90 -15.40
CA HIS A 1009 15.98 -37.64 -14.16
C HIS A 1009 17.49 -37.61 -14.36
N LYS A 1010 17.99 -38.35 -15.35
CA LYS A 1010 19.40 -38.22 -15.70
C LYS A 1010 19.69 -36.85 -16.31
N TYR A 1011 18.80 -36.35 -17.16
CA TYR A 1011 19.15 -35.27 -18.06
C TYR A 1011 18.64 -33.91 -17.64
N LEU A 1012 17.82 -33.84 -16.61
CA LEU A 1012 17.33 -32.52 -16.22
C LEU A 1012 18.32 -31.75 -15.36
N PRO A 1013 18.96 -32.35 -14.33
CA PRO A 1013 19.98 -31.59 -13.58
C PRO A 1013 21.18 -31.14 -14.40
N TRP A 1014 21.59 -31.93 -15.39
CA TRP A 1014 22.71 -31.55 -16.25
C TRP A 1014 22.39 -30.30 -17.04
N PHE A 1015 21.13 -30.19 -17.50
CA PHE A 1015 20.64 -28.99 -18.15
C PHE A 1015 20.66 -27.78 -17.21
N LEU A 1016 20.53 -28.01 -15.91
CA LEU A 1016 20.62 -26.93 -14.94
C LEU A 1016 22.05 -26.70 -14.46
N ASN A 1017 23.06 -27.23 -15.17
CA ASN A 1017 24.44 -26.87 -14.84
C ASN A 1017 25.29 -26.67 -16.09
N ASP A 1018 24.69 -26.37 -17.22
CA ASP A 1018 25.41 -26.18 -18.48
C ASP A 1018 25.36 -24.70 -18.82
N ARG A 1019 26.45 -24.00 -18.55
CA ARG A 1019 26.51 -22.58 -18.85
C ARG A 1019 26.51 -22.36 -20.36
N PRO A 1020 25.74 -21.38 -20.85
CA PRO A 1020 25.63 -21.19 -22.31
C PRO A 1020 26.87 -20.49 -22.85
N ASN A 1021 27.58 -21.17 -23.75
CA ASN A 1021 28.71 -20.61 -24.49
C ASN A 1021 28.44 -20.80 -25.98
N ILE A 1022 29.34 -20.29 -26.83
CA ILE A 1022 29.11 -20.46 -28.26
C ILE A 1022 29.74 -21.78 -28.70
N LYS A 1023 29.10 -22.88 -28.32
CA LYS A 1023 29.07 -24.13 -29.06
C LYS A 1023 27.72 -24.80 -28.96
N CYS A 1024 26.88 -24.40 -28.02
CA CYS A 1024 25.52 -24.83 -27.78
C CYS A 1024 24.84 -23.73 -26.95
N PRO A 1025 24.31 -22.70 -27.59
CA PRO A 1025 23.61 -21.64 -26.86
C PRO A 1025 22.15 -21.93 -26.56
N LYS A 1026 21.72 -23.20 -26.64
CA LYS A 1026 20.30 -23.51 -26.54
C LYS A 1026 19.75 -23.28 -25.15
N GLY A 1027 20.60 -23.36 -24.13
CA GLY A 1027 20.14 -23.03 -22.79
C GLY A 1027 21.03 -23.66 -21.74
N GLY A 1028 20.59 -23.50 -20.50
CA GLY A 1028 21.31 -23.99 -19.34
C GLY A 1028 20.85 -23.27 -18.09
N LEU A 1029 21.82 -23.01 -17.20
CA LEU A 1029 21.55 -22.34 -15.94
C LEU A 1029 21.64 -20.84 -16.03
N ALA A 1030 21.59 -20.29 -17.25
CA ALA A 1030 21.63 -18.83 -17.41
C ALA A 1030 20.40 -18.17 -16.81
N ALA A 1031 19.23 -18.76 -17.00
CA ALA A 1031 18.00 -18.19 -16.51
C ALA A 1031 17.10 -19.16 -15.75
N TYR A 1032 17.43 -20.45 -15.72
CA TYR A 1032 16.52 -21.46 -15.17
C TYR A 1032 17.12 -22.16 -13.97
N SER A 1033 18.22 -21.65 -13.42
CA SER A 1033 18.93 -22.36 -12.36
C SER A 1033 18.16 -22.38 -11.05
N THR A 1034 17.23 -21.47 -10.85
CA THR A 1034 16.42 -21.44 -9.65
C THR A 1034 14.95 -21.32 -10.00
N SER A 1035 14.55 -21.92 -11.12
CA SER A 1035 13.16 -21.95 -11.51
C SER A 1035 12.53 -23.33 -11.40
N VAL A 1036 13.30 -24.34 -11.00
CA VAL A 1036 12.75 -25.66 -10.73
C VAL A 1036 13.41 -26.19 -9.45
N ASN A 1037 12.59 -26.71 -8.54
CA ASN A 1037 13.06 -27.26 -7.27
C ASN A 1037 13.04 -28.77 -7.39
N LEU A 1038 14.20 -29.35 -7.67
CA LEU A 1038 14.32 -30.80 -7.70
C LEU A 1038 14.27 -31.37 -6.28
N THR A 1039 13.75 -32.58 -6.18
CA THR A 1039 13.75 -33.31 -4.92
C THR A 1039 15.10 -34.02 -4.76
N SER A 1040 15.17 -34.94 -3.81
CA SER A 1040 16.39 -35.72 -3.61
C SER A 1040 16.47 -36.93 -4.53
N ASP A 1041 15.47 -37.14 -5.38
CA ASP A 1041 15.47 -38.25 -6.32
C ASP A 1041 15.42 -37.82 -7.78
N GLY A 1042 14.65 -36.78 -8.10
CA GLY A 1042 14.57 -36.32 -9.47
C GLY A 1042 13.16 -35.97 -9.92
N GLN A 1043 12.19 -36.06 -9.02
CA GLN A 1043 10.83 -35.62 -9.32
C GLN A 1043 10.70 -34.15 -8.96
N VAL A 1044 10.34 -33.32 -9.94
CA VAL A 1044 10.26 -31.88 -9.71
C VAL A 1044 9.07 -31.56 -8.82
N LEU A 1045 9.27 -30.64 -7.88
CA LEU A 1045 8.19 -30.22 -6.99
C LEU A 1045 7.42 -29.05 -7.56
N ALA A 1046 8.10 -27.94 -7.81
CA ALA A 1046 7.43 -26.74 -8.30
C ALA A 1046 8.20 -26.12 -9.46
N SER A 1047 7.74 -24.99 -9.97
CA SER A 1047 8.40 -24.34 -11.10
C SER A 1047 7.96 -22.89 -11.16
N ARG A 1048 8.59 -22.14 -12.06
CA ARG A 1048 8.22 -20.76 -12.32
C ARG A 1048 8.29 -20.52 -13.81
N PHE A 1049 7.46 -19.59 -14.27
CA PHE A 1049 7.43 -19.19 -15.68
C PHE A 1049 7.33 -17.67 -15.69
N MET A 1050 8.40 -17.00 -16.07
CA MET A 1050 8.51 -15.56 -15.89
C MET A 1050 8.00 -14.80 -17.10
N ALA A 1051 6.96 -13.99 -16.91
CA ALA A 1051 6.44 -13.15 -17.96
C ALA A 1051 6.28 -11.74 -17.43
N TYR A 1052 6.46 -10.74 -18.28
CA TYR A 1052 6.48 -9.35 -17.84
C TYR A 1052 5.14 -8.68 -18.07
N HIS A 1053 4.71 -7.89 -17.08
CA HIS A 1053 3.49 -7.11 -17.20
C HIS A 1053 3.67 -5.97 -18.19
N LYS A 1054 2.56 -5.38 -18.63
CA LYS A 1054 2.60 -4.14 -19.38
C LYS A 1054 2.90 -3.01 -18.40
N PRO A 1055 3.23 -1.81 -18.90
CA PRO A 1055 3.57 -0.70 -18.00
C PRO A 1055 2.36 -0.24 -17.18
N LEU A 1056 2.47 -0.38 -15.87
CA LEU A 1056 1.39 -0.13 -14.93
C LEU A 1056 1.65 1.21 -14.25
N LYS A 1057 0.70 2.14 -14.39
CA LYS A 1057 0.91 3.52 -13.98
C LYS A 1057 0.27 3.84 -12.62
N ASN A 1058 -1.04 3.68 -12.50
CA ASN A 1058 -1.75 4.05 -11.29
C ASN A 1058 -2.28 2.80 -10.58
N SER A 1059 -2.94 3.02 -9.45
CA SER A 1059 -3.37 1.91 -8.60
C SER A 1059 -4.64 1.24 -9.11
N GLN A 1060 -5.30 1.79 -10.13
CA GLN A 1060 -6.37 1.06 -10.79
C GLN A 1060 -5.84 0.10 -11.83
N ASP A 1061 -4.56 0.19 -12.19
CA ASP A 1061 -3.97 -0.73 -13.14
C ASP A 1061 -3.40 -1.97 -12.48
N TYR A 1062 -2.85 -1.82 -11.28
CA TYR A 1062 -2.24 -2.96 -10.58
C TYR A 1062 -3.29 -4.01 -10.21
N THR A 1063 -4.41 -3.57 -9.63
CA THR A 1063 -5.46 -4.51 -9.24
C THR A 1063 -6.15 -5.12 -10.45
N GLU A 1064 -6.33 -4.34 -11.52
CA GLU A 1064 -6.94 -4.88 -12.72
C GLU A 1064 -6.04 -5.89 -13.40
N ALA A 1065 -4.72 -5.63 -13.42
CA ALA A 1065 -3.78 -6.60 -13.96
C ALA A 1065 -3.73 -7.85 -13.11
N LEU A 1066 -3.87 -7.69 -11.79
CA LEU A 1066 -3.94 -8.84 -10.89
C LEU A 1066 -5.15 -9.72 -11.17
N ARG A 1067 -6.30 -9.10 -11.38
CA ARG A 1067 -7.50 -9.88 -11.69
C ARG A 1067 -7.40 -10.53 -13.07
N ALA A 1068 -6.88 -9.81 -14.06
CA ALA A 1068 -6.81 -10.35 -15.41
C ALA A 1068 -5.69 -11.35 -15.59
N ALA A 1069 -4.74 -11.42 -14.65
CA ALA A 1069 -3.80 -12.52 -14.65
C ALA A 1069 -4.27 -13.69 -13.83
N ARG A 1070 -5.00 -13.44 -12.74
CA ARG A 1070 -5.49 -14.53 -11.91
C ARG A 1070 -6.57 -15.33 -12.62
N GLU A 1071 -7.44 -14.67 -13.40
CA GLU A 1071 -8.44 -15.43 -14.13
C GLU A 1071 -7.81 -16.27 -15.24
N LEU A 1072 -6.73 -15.77 -15.85
CA LEU A 1072 -6.00 -16.55 -16.84
C LEU A 1072 -5.31 -17.74 -16.18
N ALA A 1073 -4.80 -17.55 -14.97
CA ALA A 1073 -4.19 -18.65 -14.23
C ALA A 1073 -5.21 -19.73 -13.88
N ALA A 1074 -6.42 -19.31 -13.47
CA ALA A 1074 -7.46 -20.29 -13.18
C ALA A 1074 -7.91 -21.02 -14.45
N ASN A 1075 -7.93 -20.31 -15.58
CA ASN A 1075 -8.20 -20.94 -16.87
C ASN A 1075 -7.16 -22.00 -17.20
N ILE A 1076 -5.89 -21.68 -16.94
CA ILE A 1076 -4.80 -22.61 -17.19
C ILE A 1076 -4.90 -23.84 -16.31
N THR A 1077 -5.21 -23.65 -15.04
CA THR A 1077 -5.27 -24.80 -14.14
C THR A 1077 -6.48 -25.67 -14.43
N ALA A 1078 -7.61 -25.06 -14.84
CA ALA A 1078 -8.78 -25.84 -15.22
C ALA A 1078 -8.51 -26.62 -16.51
N ASP A 1079 -7.71 -26.06 -17.41
CA ASP A 1079 -7.32 -26.83 -18.59
C ASP A 1079 -6.28 -27.90 -18.26
N LEU A 1080 -5.42 -27.65 -17.28
CA LEU A 1080 -4.28 -28.52 -17.02
C LEU A 1080 -4.61 -29.70 -16.11
N ARG A 1081 -5.71 -29.63 -15.35
CA ARG A 1081 -6.05 -30.75 -14.47
C ARG A 1081 -6.75 -31.90 -15.19
N LYS A 1082 -6.91 -31.85 -16.51
CA LYS A 1082 -7.54 -32.92 -17.26
C LYS A 1082 -6.57 -34.04 -17.65
N VAL A 1083 -5.28 -33.86 -17.43
CA VAL A 1083 -4.29 -34.86 -17.84
C VAL A 1083 -4.42 -36.08 -16.93
N PRO A 1084 -3.92 -37.25 -17.34
CA PRO A 1084 -4.13 -38.47 -16.56
C PRO A 1084 -3.42 -38.49 -15.21
N GLY A 1085 -2.12 -38.21 -15.20
CA GLY A 1085 -1.35 -38.39 -13.99
C GLY A 1085 -1.37 -37.26 -13.01
N THR A 1086 -2.15 -36.21 -13.24
CA THR A 1086 -2.13 -35.06 -12.37
C THR A 1086 -2.82 -35.37 -11.04
N ASP A 1087 -2.77 -34.39 -10.14
CA ASP A 1087 -3.32 -34.50 -8.80
C ASP A 1087 -4.28 -33.33 -8.60
N PRO A 1088 -5.48 -33.57 -8.06
CA PRO A 1088 -6.35 -32.45 -7.69
C PRO A 1088 -5.74 -31.62 -6.56
N ALA A 1089 -6.34 -30.44 -6.34
CA ALA A 1089 -5.77 -29.41 -5.48
C ALA A 1089 -4.39 -28.98 -5.96
N PHE A 1090 -4.26 -28.86 -7.28
CA PHE A 1090 -3.04 -28.41 -7.94
C PHE A 1090 -3.40 -27.18 -8.77
N GLU A 1091 -2.92 -26.02 -8.35
CA GLU A 1091 -3.29 -24.76 -8.99
C GLU A 1091 -2.06 -24.01 -9.44
N VAL A 1092 -2.17 -23.32 -10.57
CA VAL A 1092 -1.10 -22.52 -11.12
C VAL A 1092 -1.45 -21.07 -10.85
N PHE A 1093 -0.82 -20.47 -9.84
CA PHE A 1093 -1.22 -19.13 -9.48
C PHE A 1093 -0.21 -18.10 -9.96
N PRO A 1094 -0.64 -16.87 -10.24
CA PRO A 1094 0.30 -15.81 -10.57
C PRO A 1094 0.84 -15.14 -9.32
N TYR A 1095 2.08 -14.69 -9.40
CA TYR A 1095 2.73 -14.04 -8.27
C TYR A 1095 3.67 -12.96 -8.76
N THR A 1096 3.51 -11.75 -8.25
CA THR A 1096 4.45 -10.67 -8.47
C THR A 1096 4.77 -10.03 -7.13
N ILE A 1097 5.76 -9.13 -7.14
CA ILE A 1097 6.28 -8.58 -5.89
C ILE A 1097 5.30 -7.67 -5.19
N THR A 1098 4.36 -7.06 -5.92
CA THR A 1098 3.40 -6.14 -5.32
C THR A 1098 1.99 -6.72 -5.33
N ASN A 1099 1.86 -8.04 -5.38
CA ASN A 1099 0.54 -8.63 -5.29
C ASN A 1099 -0.01 -8.54 -3.88
N VAL A 1100 0.86 -8.50 -2.87
CA VAL A 1100 0.40 -8.52 -1.50
C VAL A 1100 -0.15 -7.18 -1.05
N PHE A 1101 0.07 -6.12 -1.81
CA PHE A 1101 -0.47 -4.81 -1.48
C PHE A 1101 -1.86 -4.60 -2.08
N TYR A 1102 -1.97 -4.76 -3.40
CA TYR A 1102 -3.19 -4.42 -4.12
C TYR A 1102 -4.17 -5.57 -4.24
N GLU A 1103 -4.03 -6.62 -3.42
CA GLU A 1103 -4.98 -7.72 -3.48
C GLU A 1103 -6.28 -7.38 -2.78
N GLN A 1104 -6.28 -6.43 -1.86
CA GLN A 1104 -7.48 -6.11 -1.10
C GLN A 1104 -8.55 -5.46 -1.95
N TYR A 1105 -8.14 -4.71 -2.99
CA TYR A 1105 -9.08 -3.86 -3.72
C TYR A 1105 -10.05 -4.65 -4.60
N LEU A 1106 -9.82 -5.94 -4.83
CA LEU A 1106 -10.83 -6.77 -5.45
C LEU A 1106 -12.07 -6.87 -4.58
N THR A 1107 -11.90 -6.87 -3.27
CA THR A 1107 -12.98 -7.15 -2.32
C THR A 1107 -13.01 -6.11 -1.20
N ILE A 1108 -12.98 -4.83 -1.56
CA ILE A 1108 -13.19 -3.75 -0.60
C ILE A 1108 -14.50 -3.04 -0.81
N LEU A 1109 -15.22 -3.33 -1.88
CA LEU A 1109 -16.59 -2.83 -2.04
C LEU A 1109 -17.59 -3.66 -1.23
N PRO A 1110 -17.63 -4.99 -1.35
CA PRO A 1110 -18.57 -5.74 -0.49
C PRO A 1110 -18.20 -5.74 0.98
N GLU A 1111 -16.92 -5.77 1.33
CA GLU A 1111 -16.52 -5.75 2.73
C GLU A 1111 -16.38 -4.33 3.26
N GLY A 1112 -16.57 -3.33 2.42
CA GLY A 1112 -16.59 -1.96 2.90
C GLY A 1112 -18.01 -1.46 3.08
N LEU A 1113 -18.89 -1.84 2.14
CA LEU A 1113 -20.28 -1.45 2.26
C LEU A 1113 -20.97 -2.18 3.40
N PHE A 1114 -20.61 -3.44 3.62
CA PHE A 1114 -21.23 -4.23 4.69
C PHE A 1114 -20.86 -3.71 6.06
N MET A 1115 -19.59 -3.30 6.24
CA MET A 1115 -19.16 -2.78 7.54
C MET A 1115 -19.82 -1.45 7.85
N LEU A 1116 -20.01 -0.62 6.84
CA LEU A 1116 -20.72 0.64 7.06
C LEU A 1116 -22.20 0.39 7.34
N SER A 1117 -22.83 -0.52 6.59
CA SER A 1117 -24.26 -0.73 6.74
C SER A 1117 -24.59 -1.42 8.06
N LEU A 1118 -23.70 -2.28 8.54
CA LEU A 1118 -23.91 -2.89 9.85
C LEU A 1118 -23.59 -1.94 10.98
N CYS A 1119 -22.88 -0.85 10.69
CA CYS A 1119 -22.47 0.09 11.72
C CYS A 1119 -23.60 1.03 12.14
N LEU A 1120 -24.67 1.13 11.36
CA LEU A 1120 -25.82 1.97 11.69
C LEU A 1120 -26.80 1.28 12.64
N VAL A 1121 -26.83 -0.06 12.62
CA VAL A 1121 -27.75 -0.79 13.50
C VAL A 1121 -27.50 -0.59 14.99
N PRO A 1122 -26.28 -0.76 15.53
CA PRO A 1122 -26.12 -0.55 16.97
C PRO A 1122 -26.22 0.91 17.40
N THR A 1123 -26.12 1.87 16.49
CA THR A 1123 -26.37 3.26 16.84
C THR A 1123 -27.85 3.60 16.80
N PHE A 1124 -28.56 3.11 15.79
CA PHE A 1124 -30.01 3.29 15.71
C PHE A 1124 -30.72 2.61 16.87
N ALA A 1125 -30.29 1.39 17.22
CA ALA A 1125 -30.95 0.64 18.26
C ALA A 1125 -30.66 1.15 19.66
N VAL A 1126 -29.65 2.02 19.82
CA VAL A 1126 -29.35 2.59 21.12
C VAL A 1126 -29.78 4.05 21.24
N SER A 1127 -29.78 4.82 20.15
CA SER A 1127 -30.15 6.22 20.24
C SER A 1127 -31.66 6.39 20.43
N CYS A 1128 -32.46 5.50 19.89
CA CYS A 1128 -33.89 5.50 20.13
C CYS A 1128 -34.26 4.68 21.35
N LEU A 1129 -33.30 4.05 22.01
CA LEU A 1129 -33.57 3.24 23.18
C LEU A 1129 -33.08 3.85 24.48
N LEU A 1130 -32.16 4.80 24.43
CA LEU A 1130 -31.70 5.44 25.66
C LEU A 1130 -32.62 6.57 26.09
N LEU A 1131 -32.91 7.52 25.20
CA LEU A 1131 -33.57 8.77 25.56
C LEU A 1131 -34.86 8.96 24.74
N GLY A 1132 -35.94 8.34 25.22
CA GLY A 1132 -37.23 8.44 24.55
C GLY A 1132 -37.19 7.86 23.15
N LEU A 1133 -37.76 8.62 22.20
CA LEU A 1133 -37.57 8.44 20.76
C LEU A 1133 -38.05 7.07 20.29
N ASP A 1134 -39.38 6.90 20.35
CA ASP A 1134 -39.99 5.61 20.05
C ASP A 1134 -39.75 5.12 18.61
N LEU A 1135 -40.27 5.77 17.60
CA LEU A 1135 -39.87 5.40 16.25
C LEU A 1135 -39.50 6.59 15.37
N ARG A 1136 -40.24 7.70 15.48
CA ARG A 1136 -40.16 8.72 14.45
C ARG A 1136 -38.90 9.58 14.58
N SER A 1137 -38.53 9.94 15.82
CA SER A 1137 -37.34 10.76 16.00
C SER A 1137 -36.07 9.97 15.68
N GLY A 1138 -36.02 8.70 16.10
CA GLY A 1138 -34.89 7.86 15.73
C GLY A 1138 -34.82 7.60 14.24
N LEU A 1139 -35.98 7.47 13.59
CA LEU A 1139 -36.02 7.30 12.15
C LEU A 1139 -35.48 8.53 11.43
N LEU A 1140 -35.84 9.73 11.91
CA LEU A 1140 -35.28 10.94 11.32
C LEU A 1140 -33.79 11.07 11.61
N ASN A 1141 -33.35 10.59 12.77
CA ASN A 1141 -31.91 10.53 13.09
C ASN A 1141 -31.17 9.64 12.09
N LEU A 1142 -31.74 8.47 11.78
CA LEU A 1142 -31.12 7.57 10.82
C LEU A 1142 -31.12 8.17 9.42
N LEU A 1143 -32.17 8.93 9.08
CA LEU A 1143 -32.21 9.62 7.79
C LEU A 1143 -31.13 10.67 7.71
N SER A 1144 -30.90 11.41 8.80
CA SER A 1144 -29.84 12.42 8.79
C SER A 1144 -28.45 11.79 8.68
N ILE A 1145 -28.22 10.65 9.36
CA ILE A 1145 -26.91 10.01 9.29
C ILE A 1145 -26.66 9.42 7.91
N VAL A 1146 -27.69 8.82 7.30
CA VAL A 1146 -27.54 8.27 5.96
C VAL A 1146 -27.33 9.37 4.93
N MET A 1147 -27.99 10.52 5.13
CA MET A 1147 -27.78 11.66 4.24
C MET A 1147 -26.36 12.20 4.37
N ILE A 1148 -25.84 12.23 5.61
CA ILE A 1148 -24.47 12.70 5.82
C ILE A 1148 -23.46 11.77 5.17
N LEU A 1149 -23.67 10.45 5.28
CA LEU A 1149 -22.76 9.49 4.67
C LEU A 1149 -22.78 9.56 3.15
N VAL A 1150 -23.97 9.67 2.55
CA VAL A 1150 -24.05 9.71 1.09
C VAL A 1150 -23.47 11.03 0.57
N ASP A 1151 -23.73 12.14 1.27
CA ASP A 1151 -23.17 13.42 0.87
C ASP A 1151 -21.64 13.44 0.99
N THR A 1152 -21.11 12.87 2.08
CA THR A 1152 -19.66 12.88 2.23
C THR A 1152 -18.99 11.93 1.24
N VAL A 1153 -19.64 10.81 0.88
CA VAL A 1153 -19.08 9.93 -0.15
C VAL A 1153 -19.07 10.61 -1.50
N GLY A 1154 -20.14 11.33 -1.82
CA GLY A 1154 -20.18 12.06 -3.09
C GLY A 1154 -19.16 13.17 -3.16
N PHE A 1155 -19.00 13.94 -2.09
CA PHE A 1155 -18.02 15.02 -2.11
C PHE A 1155 -16.60 14.49 -2.05
N MET A 1156 -16.39 13.34 -1.40
CA MET A 1156 -15.09 12.68 -1.41
C MET A 1156 -14.73 12.23 -2.82
N ALA A 1157 -15.70 11.71 -3.57
CA ALA A 1157 -15.43 11.32 -4.94
C ALA A 1157 -15.20 12.55 -5.82
N LEU A 1158 -15.87 13.66 -5.50
CA LEU A 1158 -15.76 14.85 -6.34
C LEU A 1158 -14.44 15.58 -6.11
N TRP A 1159 -13.92 15.54 -4.88
CA TRP A 1159 -12.64 16.18 -4.59
C TRP A 1159 -11.51 15.47 -5.33
N GLY A 1160 -11.43 14.16 -5.18
CA GLY A 1160 -10.30 13.42 -5.71
C GLY A 1160 -9.73 12.49 -4.68
N ILE A 1161 -10.31 12.52 -3.48
CA ILE A 1161 -9.92 11.57 -2.44
C ILE A 1161 -10.35 10.18 -2.86
N SER A 1162 -9.44 9.22 -2.73
CA SER A 1162 -9.73 7.86 -3.13
C SER A 1162 -10.61 7.18 -2.09
N TYR A 1163 -10.90 5.90 -2.31
CA TYR A 1163 -11.70 5.09 -1.40
C TYR A 1163 -10.92 3.81 -1.13
N ASN A 1164 -10.16 3.82 -0.04
CA ASN A 1164 -9.30 2.68 0.30
C ASN A 1164 -9.52 2.25 1.73
N ALA A 1165 -8.64 1.40 2.25
CA ALA A 1165 -8.80 0.90 3.60
C ALA A 1165 -8.62 2.00 4.64
N VAL A 1166 -7.73 2.97 4.37
CA VAL A 1166 -7.50 4.04 5.35
C VAL A 1166 -8.54 5.14 5.25
N SER A 1167 -9.28 5.22 4.16
CA SER A 1167 -10.33 6.23 4.01
C SER A 1167 -11.71 5.67 4.32
N LEU A 1168 -11.78 4.46 4.87
CA LEU A 1168 -13.03 3.88 5.34
C LEU A 1168 -13.17 3.91 6.86
N ILE A 1169 -12.05 3.86 7.57
CA ILE A 1169 -12.09 4.02 9.02
C ILE A 1169 -12.51 5.44 9.38
N ASN A 1170 -12.18 6.42 8.53
CA ASN A 1170 -12.64 7.79 8.76
C ASN A 1170 -14.14 7.91 8.58
N LEU A 1171 -14.70 7.23 7.58
CA LEU A 1171 -16.14 7.26 7.40
C LEU A 1171 -16.87 6.56 8.54
N VAL A 1172 -16.30 5.47 9.05
CA VAL A 1172 -16.88 4.81 10.22
C VAL A 1172 -16.78 5.71 11.44
N SER A 1173 -15.69 6.45 11.56
CA SER A 1173 -15.55 7.41 12.66
C SER A 1173 -16.54 8.55 12.52
N ALA A 1174 -16.87 8.94 11.28
CA ALA A 1174 -17.88 9.97 11.09
C ALA A 1174 -19.27 9.47 11.43
N VAL A 1175 -19.53 8.18 11.16
CA VAL A 1175 -20.79 7.57 11.56
C VAL A 1175 -20.92 7.54 13.08
N GLY A 1176 -19.80 7.26 13.76
CA GLY A 1176 -19.81 7.38 15.22
C GLY A 1176 -19.96 8.81 15.69
N MET A 1177 -19.34 9.75 14.99
CA MET A 1177 -19.26 11.14 15.42
C MET A 1177 -20.58 11.88 15.23
N SER A 1178 -21.39 11.48 14.26
CA SER A 1178 -22.60 12.22 13.92
C SER A 1178 -23.71 12.09 14.96
N VAL A 1179 -23.58 11.21 15.95
CA VAL A 1179 -24.55 11.17 17.05
C VAL A 1179 -24.48 12.43 17.89
N GLU A 1180 -23.29 13.06 17.97
CA GLU A 1180 -23.12 14.39 18.56
C GLU A 1180 -24.01 15.42 17.87
N PHE A 1181 -24.16 15.31 16.56
CA PHE A 1181 -24.83 16.34 15.78
C PHE A 1181 -26.34 16.29 16.01
N VAL A 1182 -26.87 15.13 16.40
CA VAL A 1182 -28.29 14.86 16.33
C VAL A 1182 -28.92 14.57 17.69
N SER A 1183 -28.18 13.97 18.64
CA SER A 1183 -28.79 13.42 19.84
C SER A 1183 -29.28 14.52 20.77
N HIS A 1184 -28.50 15.58 20.93
CA HIS A 1184 -28.89 16.66 21.83
C HIS A 1184 -30.08 17.45 21.26
N ILE A 1185 -30.13 17.60 19.93
CA ILE A 1185 -31.25 18.29 19.30
C ILE A 1185 -32.53 17.49 19.45
N THR A 1186 -32.46 16.19 19.18
CA THR A 1186 -33.66 15.36 19.35
C THR A 1186 -34.04 15.20 20.81
N ARG A 1187 -33.07 15.24 21.72
CA ARG A 1187 -33.34 15.25 23.15
C ARG A 1187 -34.12 16.49 23.56
N SER A 1188 -33.63 17.67 23.17
CA SER A 1188 -34.28 18.90 23.59
C SER A 1188 -35.62 19.09 22.89
N PHE A 1189 -35.81 18.47 21.72
CA PHE A 1189 -37.14 18.50 21.11
C PHE A 1189 -38.07 17.54 21.85
N ALA A 1190 -37.56 16.38 22.27
CA ALA A 1190 -38.44 15.41 22.93
C ALA A 1190 -38.86 15.88 24.31
N ILE A 1191 -37.96 16.54 25.04
CA ILE A 1191 -38.30 17.02 26.37
C ILE A 1191 -39.14 18.29 26.30
N SER A 1192 -39.20 18.94 25.14
CA SER A 1192 -39.97 20.17 24.98
C SER A 1192 -41.46 19.90 25.10
N THR A 1193 -42.13 20.73 25.91
CA THR A 1193 -43.55 20.55 26.21
C THR A 1193 -44.36 21.79 25.81
N LYS A 1194 -43.85 22.57 24.88
CA LYS A 1194 -44.56 23.74 24.41
C LYS A 1194 -45.61 23.35 23.38
N PRO A 1195 -46.62 24.22 23.14
CA PRO A 1195 -47.82 23.79 22.38
C PRO A 1195 -47.62 23.40 20.93
N THR A 1196 -47.10 24.30 20.09
CA THR A 1196 -47.10 24.10 18.65
C THR A 1196 -45.70 23.80 18.15
N TRP A 1197 -45.63 23.04 17.04
CA TRP A 1197 -44.35 22.66 16.47
C TRP A 1197 -43.61 23.85 15.84
N LEU A 1198 -44.33 24.92 15.51
CA LEU A 1198 -43.69 26.06 14.85
C LEU A 1198 -42.70 26.78 15.76
N GLU A 1199 -42.91 26.71 17.08
CA GLU A 1199 -42.02 27.34 18.04
C GLU A 1199 -41.50 26.37 19.09
N ARG A 1200 -41.90 25.09 19.05
CA ARG A 1200 -41.46 24.14 20.06
C ARG A 1200 -39.98 23.80 19.88
N ALA A 1201 -39.49 23.82 18.64
CA ALA A 1201 -38.09 23.53 18.41
C ALA A 1201 -37.20 24.74 18.66
N LYS A 1202 -37.77 25.93 18.86
CA LYS A 1202 -36.98 27.13 19.09
C LYS A 1202 -36.26 27.06 20.44
N GLU A 1203 -36.95 26.58 21.48
CA GLU A 1203 -36.30 26.43 22.79
C GLU A 1203 -35.23 25.36 22.74
N ALA A 1204 -35.47 24.26 22.00
CA ALA A 1204 -34.47 23.22 21.85
C ALA A 1204 -33.24 23.71 21.11
N THR A 1205 -33.45 24.54 20.08
CA THR A 1205 -32.35 25.14 19.35
C THR A 1205 -31.54 26.07 20.24
N ILE A 1206 -32.21 27.00 20.92
CA ILE A 1206 -31.53 27.98 21.77
C ILE A 1206 -30.87 27.32 22.97
N SER A 1207 -31.36 26.17 23.41
CA SER A 1207 -30.76 25.47 24.54
C SER A 1207 -29.55 24.63 24.14
N MET A 1208 -29.69 23.81 23.09
CA MET A 1208 -28.67 22.81 22.81
C MET A 1208 -27.86 23.05 21.55
N GLY A 1209 -28.40 23.80 20.57
CA GLY A 1209 -27.66 24.03 19.35
C GLY A 1209 -26.42 24.88 19.54
N SER A 1210 -26.45 25.81 20.49
CA SER A 1210 -25.26 26.61 20.79
C SER A 1210 -24.16 25.75 21.41
N ALA A 1211 -24.52 24.86 22.34
CA ALA A 1211 -23.54 23.97 22.94
C ALA A 1211 -23.00 22.98 21.91
N VAL A 1212 -23.87 22.48 21.03
CA VAL A 1212 -23.43 21.58 19.98
C VAL A 1212 -22.54 22.30 18.99
N PHE A 1213 -22.84 23.58 18.71
CA PHE A 1213 -22.00 24.40 17.84
C PHE A 1213 -20.61 24.61 18.44
N ALA A 1214 -20.56 24.86 19.75
CA ALA A 1214 -19.27 25.00 20.42
C ALA A 1214 -18.48 23.69 20.39
N GLY A 1215 -19.18 22.57 20.59
CA GLY A 1215 -18.52 21.28 20.50
C GLY A 1215 -18.02 20.93 19.11
N VAL A 1216 -18.79 21.28 18.08
CA VAL A 1216 -18.38 21.01 16.71
C VAL A 1216 -17.20 21.90 16.31
N ALA A 1217 -17.25 23.17 16.73
CA ALA A 1217 -16.12 24.05 16.46
C ALA A 1217 -14.87 23.64 17.24
N MET A 1218 -15.06 22.96 18.38
CA MET A 1218 -13.96 22.41 19.16
C MET A 1218 -13.14 21.40 18.35
N THR A 1219 -13.77 20.67 17.42
CA THR A 1219 -13.00 19.84 16.50
C THR A 1219 -12.69 20.56 15.19
N ASN A 1220 -13.50 21.56 14.82
CA ASN A 1220 -13.31 22.22 13.54
C ASN A 1220 -12.05 23.06 13.53
N LEU A 1221 -11.83 23.86 14.57
CA LEU A 1221 -10.68 24.76 14.56
C LEU A 1221 -9.37 24.01 14.75
N PRO A 1222 -9.20 23.14 15.75
CA PRO A 1222 -7.98 22.34 15.80
C PRO A 1222 -7.94 21.20 14.79
N GLY A 1223 -9.07 20.88 14.15
CA GLY A 1223 -9.03 19.94 13.05
C GLY A 1223 -8.44 20.51 11.78
N ILE A 1224 -8.40 21.84 11.67
CA ILE A 1224 -7.84 22.49 10.50
C ILE A 1224 -6.50 23.15 10.80
N LEU A 1225 -6.28 23.65 12.02
CA LEU A 1225 -5.09 24.44 12.29
C LEU A 1225 -3.82 23.62 12.39
N VAL A 1226 -3.90 22.29 12.41
CA VAL A 1226 -2.69 21.49 12.50
C VAL A 1226 -2.62 20.49 11.35
N LEU A 1227 -3.71 19.78 11.08
CA LEU A 1227 -3.68 18.74 10.07
C LEU A 1227 -3.74 19.29 8.66
N GLY A 1228 -4.13 20.55 8.49
CA GLY A 1228 -4.03 21.17 7.19
C GLY A 1228 -2.65 21.62 6.80
N LEU A 1229 -1.73 21.65 7.76
CA LEU A 1229 -0.34 22.04 7.56
C LEU A 1229 0.58 20.92 8.01
N ALA A 1230 0.27 19.70 7.58
CA ALA A 1230 0.96 18.50 8.05
C ALA A 1230 2.25 18.20 7.31
N LYS A 1231 2.33 18.56 6.02
CA LYS A 1231 3.44 18.36 5.10
C LYS A 1231 3.60 16.91 4.63
N ALA A 1232 2.77 15.98 5.11
CA ALA A 1232 2.71 14.62 4.57
C ALA A 1232 1.50 14.53 3.66
N GLN A 1233 1.64 13.77 2.57
CA GLN A 1233 0.52 13.63 1.65
C GLN A 1233 -0.61 12.81 2.27
N LEU A 1234 -0.25 11.81 3.10
CA LEU A 1234 -1.24 10.92 3.70
C LEU A 1234 -2.17 11.69 4.66
N ILE A 1235 -1.59 12.42 5.60
CA ILE A 1235 -2.37 13.18 6.56
C ILE A 1235 -3.09 14.33 5.87
N GLN A 1236 -2.44 14.96 4.89
CA GLN A 1236 -3.05 16.10 4.23
C GLN A 1236 -4.21 15.70 3.33
N ILE A 1237 -4.27 14.45 2.86
CA ILE A 1237 -5.37 14.07 1.99
C ILE A 1237 -6.44 13.31 2.73
N PHE A 1238 -6.06 12.47 3.69
CA PHE A 1238 -7.00 11.54 4.29
C PHE A 1238 -7.42 11.88 5.72
N PHE A 1239 -6.87 12.93 6.32
CA PHE A 1239 -7.25 13.31 7.68
C PHE A 1239 -7.67 14.76 7.83
N PHE A 1240 -7.01 15.69 7.14
CA PHE A 1240 -7.49 17.06 7.07
C PHE A 1240 -8.53 17.23 5.97
N ARG A 1241 -8.22 16.70 4.78
CA ARG A 1241 -9.04 16.95 3.61
C ARG A 1241 -10.39 16.26 3.68
N LEU A 1242 -10.51 15.18 4.46
CA LEU A 1242 -11.75 14.42 4.56
C LEU A 1242 -12.52 14.70 5.84
N ASN A 1243 -11.81 14.90 6.96
CA ASN A 1243 -12.50 15.21 8.21
C ASN A 1243 -13.14 16.59 8.17
N LEU A 1244 -12.56 17.50 7.38
CA LEU A 1244 -13.16 18.82 7.20
C LEU A 1244 -14.51 18.72 6.50
N LEU A 1245 -14.62 17.83 5.50
CA LEU A 1245 -15.88 17.61 4.81
C LEU A 1245 -16.95 17.08 5.75
N ILE A 1246 -16.59 16.11 6.59
CA ILE A 1246 -17.56 15.53 7.51
C ILE A 1246 -17.95 16.54 8.59
N THR A 1247 -16.99 17.32 9.07
CA THR A 1247 -17.28 18.26 10.15
C THR A 1247 -18.14 19.42 9.68
N LEU A 1248 -17.86 19.99 8.51
CA LEU A 1248 -18.71 21.08 8.02
C LEU A 1248 -19.77 20.61 7.05
N LEU A 1249 -20.01 19.30 6.95
CA LEU A 1249 -21.21 18.77 6.35
C LEU A 1249 -22.12 18.13 7.37
N GLY A 1250 -21.69 18.00 8.62
CA GLY A 1250 -22.58 17.60 9.68
C GLY A 1250 -23.15 18.78 10.42
N LEU A 1251 -22.49 19.93 10.34
CA LEU A 1251 -23.07 21.16 10.85
C LEU A 1251 -24.32 21.54 10.04
N LEU A 1252 -24.24 21.43 8.72
CA LEU A 1252 -25.39 21.80 7.89
C LEU A 1252 -26.54 20.82 8.06
N HIS A 1253 -26.26 19.58 8.42
CA HIS A 1253 -27.30 18.60 8.67
C HIS A 1253 -27.72 18.55 10.13
N GLY A 1254 -27.09 19.32 11.00
CA GLY A 1254 -27.43 19.30 12.41
C GLY A 1254 -27.85 20.65 12.96
N LEU A 1255 -27.65 21.71 12.16
CA LEU A 1255 -28.04 23.04 12.57
C LEU A 1255 -28.91 23.75 11.54
N VAL A 1256 -29.10 23.18 10.36
CA VAL A 1256 -29.95 23.80 9.35
C VAL A 1256 -31.04 22.87 8.83
N PHE A 1257 -30.85 21.56 8.85
CA PHE A 1257 -31.83 20.61 8.35
C PHE A 1257 -32.64 19.94 9.44
N LEU A 1258 -31.96 19.45 10.48
CA LEU A 1258 -32.62 18.63 11.50
C LEU A 1258 -33.67 19.39 12.31
N PRO A 1259 -33.43 20.60 12.83
CA PRO A 1259 -34.54 21.37 13.41
C PRO A 1259 -35.63 21.70 12.42
N VAL A 1260 -35.28 21.94 11.15
CA VAL A 1260 -36.30 22.23 10.15
C VAL A 1260 -37.11 20.98 9.83
N ILE A 1261 -36.44 19.84 9.72
CA ILE A 1261 -37.17 18.61 9.41
C ILE A 1261 -37.99 18.15 10.60
N LEU A 1262 -37.58 18.50 11.82
CA LEU A 1262 -38.34 18.11 13.00
C LEU A 1262 -39.59 18.94 13.19
N SER A 1263 -39.69 20.09 12.52
CA SER A 1263 -40.87 20.94 12.66
C SER A 1263 -41.98 20.58 11.69
N TYR A 1264 -41.77 19.59 10.83
CA TYR A 1264 -42.79 19.14 9.89
C TYR A 1264 -43.31 17.74 10.19
N VAL A 1265 -42.42 16.82 10.54
CA VAL A 1265 -42.80 15.44 10.77
C VAL A 1265 -42.35 15.15 12.21
N GLY A 1266 -42.43 16.17 13.06
CA GLY A 1266 -42.06 16.01 14.44
C GLY A 1266 -43.14 15.32 15.25
N PRO A 1267 -42.73 14.55 16.25
CA PRO A 1267 -43.70 13.83 17.09
C PRO A 1267 -44.52 14.79 17.94
N ASP A 1268 -45.61 14.25 18.49
CA ASP A 1268 -46.45 15.04 19.37
C ASP A 1268 -45.77 15.22 20.73
N VAL A 1269 -46.44 15.97 21.60
CA VAL A 1269 -45.82 16.40 22.86
C VAL A 1269 -45.77 15.23 23.84
N ASN A 1270 -44.57 14.92 24.30
CA ASN A 1270 -44.40 14.03 25.45
C ASN A 1270 -44.55 14.84 26.73
N PRO A 1271 -45.34 14.38 27.71
CA PRO A 1271 -45.36 15.09 29.01
C PRO A 1271 -44.01 15.07 29.72
N ALA A 1272 -43.46 13.88 30.00
CA ALA A 1272 -42.09 13.71 30.48
C ALA A 1272 -41.86 14.36 31.84
N LEU A 1273 -42.73 14.05 32.80
CA LEU A 1273 -42.61 14.61 34.15
C LEU A 1273 -41.38 14.06 34.87
#